data_3ICR
#
_entry.id   3ICR
#
_cell.length_a   67.480
_cell.length_b   110.470
_cell.length_c   79.990
_cell.angle_alpha   90.00
_cell.angle_beta   101.69
_cell.angle_gamma   90.00
#
_symmetry.space_group_name_H-M   'P 1 21 1'
#
loop_
_entity.id
_entity.type
_entity.pdbx_description
1 polymer 'Coenzyme A-Disulfide Reductase'
2 non-polymer 'FLAVIN-ADENINE DINUCLEOTIDE'
3 non-polymer 'COENZYME A'
4 water water
#
_entity_poly.entity_id   1
_entity_poly.type   'polypeptide(L)'
_entity_poly.pdbx_seq_one_letter_code
;(MSE)GGSHHHHHHG(MSE)AS(MSE)TGGQQ(MSE)GRTLYDDDDKDRWGSRKIVVVGGVAGGASVAARLRRLSEEDEI
I(MSE)VERGEYISFANCGLPYYIGGVITERQKLLVQTVER(MSE)SKRFNLDIRVLSEVVKINKEEKTITIKNVTTNET
YNEAYDVLILSPGAKPIVPSIPGIEEAKALFTLRNVPDTDRIKAYIDEKKPRHATVIGGGFIGVE(MSE)VENLRERGIE
VTLVE(MSE)ANQV(MSE)PPIDYE(MSE)AAYVHEH(MSE)KNHDVELVFEDGVDALEENGAVVRLKSGSVIQTD
(MSE)LILAIGVQPESSLAKGAGLALGVRGTIKVNEKFQTSDPHIYAIGDAIEVKDFVTETET(MSE)IPLAWPANRQGR
(MSE)LADIIHGHTDSLYKGTLGTSVAKVFDLTVATTGLNEKILKRLNIPYEVVHVQANSHAGYYPNATPVLIKLIFNKD
SGKIYGAQTLGRDGVDKR(MSE)DVIATAIKANLTVLDLPDLELSYAPPYSSAKDPVN(MSE)VGYAASNIVDGFVDTVQ
WHEIDRIVENGGYLIDVREPNELKQG(MSE)IKGSINIPLDELRDRLEEVPVDKDIYITCQLG(MSE)RGYVAAR(MSE)
L(MSE)EKGYKVKNVDGGFKLYGTVLPERIVY
;
_entity_poly.pdbx_strand_id   A,B
#
# COMPACT_ATOMS: atom_id res chain seq x y z
N TRP A 34 -32.60 3.86 -23.14
CA TRP A 34 -32.13 2.51 -23.60
C TRP A 34 -33.27 1.52 -23.80
N GLY A 35 -33.16 0.75 -24.90
CA GLY A 35 -34.12 -0.30 -25.21
C GLY A 35 -33.68 -1.58 -24.53
N SER A 36 -34.61 -2.24 -23.84
CA SER A 36 -34.28 -3.47 -23.08
C SER A 36 -33.83 -4.60 -23.99
N ARG A 37 -32.90 -5.43 -23.50
CA ARG A 37 -32.52 -6.64 -24.24
C ARG A 37 -32.34 -7.89 -23.40
N LYS A 38 -32.27 -9.03 -24.09
CA LYS A 38 -32.02 -10.32 -23.47
C LYS A 38 -30.53 -10.61 -23.50
N ILE A 39 -29.93 -10.67 -22.32
CA ILE A 39 -28.49 -10.82 -22.20
C ILE A 39 -28.18 -12.15 -21.53
N VAL A 40 -27.41 -12.99 -22.22
CA VAL A 40 -27.05 -14.32 -21.73
C VAL A 40 -25.55 -14.37 -21.41
N VAL A 41 -25.25 -14.82 -20.19
CA VAL A 41 -23.89 -14.85 -19.68
C VAL A 41 -23.50 -16.32 -19.48
N VAL A 42 -22.39 -16.71 -20.11
CA VAL A 42 -21.90 -18.08 -20.02
C VAL A 42 -20.75 -18.14 -18.99
N GLY A 43 -20.98 -18.85 -17.89
CA GLY A 43 -20.05 -18.89 -16.77
C GLY A 43 -20.54 -17.98 -15.66
N GLY A 44 -20.55 -18.48 -14.43
CA GLY A 44 -21.14 -17.73 -13.32
C GLY A 44 -20.23 -17.35 -12.17
N VAL A 45 -18.94 -17.19 -12.44
CA VAL A 45 -17.98 -16.88 -11.37
C VAL A 45 -17.39 -15.48 -11.59
N ALA A 46 -16.06 -15.34 -11.70
CA ALA A 46 -15.44 -14.00 -11.58
C ALA A 46 -15.89 -13.00 -12.64
N GLY A 47 -15.78 -13.36 -13.92
CA GLY A 47 -16.25 -12.50 -14.99
C GLY A 47 -17.77 -12.46 -15.12
N GLY A 48 -18.39 -13.64 -15.11
CA GLY A 48 -19.83 -13.71 -15.35
C GLY A 48 -20.69 -13.02 -14.31
N ALA A 49 -20.38 -13.29 -13.04
CA ALA A 49 -21.14 -12.70 -11.93
C ALA A 49 -20.87 -11.20 -11.81
N SER A 50 -19.64 -10.77 -12.06
CA SER A 50 -19.35 -9.33 -11.99
C SER A 50 -20.09 -8.54 -13.08
N VAL A 51 -20.15 -9.08 -14.30
CA VAL A 51 -20.90 -8.43 -15.38
C VAL A 51 -22.43 -8.46 -15.15
N ALA A 52 -22.96 -9.59 -14.67
CA ALA A 52 -24.42 -9.72 -14.46
C ALA A 52 -24.93 -8.75 -13.40
N ALA A 53 -24.16 -8.60 -12.32
CA ALA A 53 -24.56 -7.74 -11.20
C ALA A 53 -24.63 -6.27 -11.63
N ARG A 54 -23.60 -5.80 -12.33
CA ARG A 54 -23.58 -4.41 -12.80
C ARG A 54 -24.59 -4.17 -13.94
N LEU A 55 -24.78 -5.18 -14.79
CA LEU A 55 -25.81 -5.13 -15.81
C LEU A 55 -27.21 -4.86 -15.23
N ARG A 56 -27.53 -5.52 -14.12
CA ARG A 56 -28.81 -5.29 -13.43
C ARG A 56 -28.87 -3.88 -12.83
N ARG A 57 -27.75 -3.43 -12.27
CA ARG A 57 -27.68 -2.08 -11.71
C ARG A 57 -27.87 -0.99 -12.78
N LEU A 58 -27.60 -1.32 -14.04
CA LEU A 58 -27.78 -0.40 -15.15
C LEU A 58 -29.17 -0.49 -15.80
N SER A 59 -29.91 -1.57 -15.55
CA SER A 59 -31.26 -1.73 -16.11
C SER A 59 -32.12 -2.73 -15.35
N GLU A 60 -33.33 -2.29 -15.01
CA GLU A 60 -34.31 -3.18 -14.38
C GLU A 60 -35.06 -4.02 -15.42
N GLU A 61 -35.03 -3.55 -16.67
CA GLU A 61 -35.87 -4.12 -17.72
C GLU A 61 -35.21 -5.26 -18.49
N ASP A 62 -33.88 -5.25 -18.59
CA ASP A 62 -33.16 -6.33 -19.31
C ASP A 62 -33.46 -7.70 -18.70
N GLU A 63 -33.57 -8.71 -19.56
CA GLU A 63 -33.59 -10.10 -19.08
C GLU A 63 -32.15 -10.58 -19.00
N ILE A 64 -31.75 -11.01 -17.81
CA ILE A 64 -30.38 -11.46 -17.61
C ILE A 64 -30.35 -12.91 -17.13
N ILE A 65 -29.71 -13.73 -17.97
CA ILE A 65 -29.60 -15.17 -17.76
C ILE A 65 -28.14 -15.52 -17.61
N VAL A 67 -25.66 -18.76 -17.09
CA VAL A 67 -25.62 -20.22 -17.25
C VAL A 67 -24.28 -20.77 -16.75
N GLU A 68 -24.35 -21.73 -15.83
CA GLU A 68 -23.15 -22.23 -15.16
C GLU A 68 -23.21 -23.75 -15.11
N ARG A 69 -22.15 -24.40 -15.56
CA ARG A 69 -22.11 -25.85 -15.70
C ARG A 69 -22.00 -26.52 -14.32
N GLY A 70 -21.34 -25.87 -13.38
CA GLY A 70 -21.18 -26.42 -12.05
C GLY A 70 -22.39 -26.15 -11.18
N GLU A 71 -22.30 -26.55 -9.91
CA GLU A 71 -23.40 -26.37 -8.97
C GLU A 71 -23.42 -24.98 -8.37
N TYR A 72 -22.27 -24.30 -8.40
CA TYR A 72 -22.10 -23.05 -7.68
C TYR A 72 -21.75 -21.86 -8.56
N ILE A 73 -22.30 -20.71 -8.21
CA ILE A 73 -21.84 -19.44 -8.79
C ILE A 73 -20.94 -18.72 -7.79
N SER A 74 -20.12 -17.80 -8.29
CA SER A 74 -19.30 -16.93 -7.44
C SER A 74 -18.61 -17.66 -6.28
N PHE A 75 -17.99 -18.80 -6.54
CA PHE A 75 -17.20 -19.43 -5.48
C PHE A 75 -15.83 -18.74 -5.38
N ALA A 76 -15.18 -18.85 -4.23
CA ALA A 76 -13.88 -18.26 -4.03
C ALA A 76 -12.80 -19.19 -4.55
N ASN A 77 -12.58 -19.19 -5.88
CA ASN A 77 -11.55 -20.05 -6.50
C ASN A 77 -10.22 -19.91 -5.76
N CYS A 78 -9.89 -18.66 -5.37
CA CYS A 78 -8.62 -18.36 -4.71
C CYS A 78 -8.52 -18.99 -3.34
N GLY A 79 -9.65 -19.27 -2.72
CA GLY A 79 -9.68 -19.78 -1.35
C GLY A 79 -9.46 -21.28 -1.27
N LEU A 80 -9.60 -21.96 -2.41
CA LEU A 80 -9.57 -23.43 -2.43
C LEU A 80 -8.35 -24.08 -1.74
N PRO A 81 -7.11 -23.63 -2.05
CA PRO A 81 -5.96 -24.24 -1.36
C PRO A 81 -6.04 -24.14 0.15
N TYR A 82 -6.58 -23.01 0.63
CA TYR A 82 -6.69 -22.74 2.06
C TYR A 82 -7.77 -23.54 2.77
N TYR A 83 -8.83 -23.89 2.05
CA TYR A 83 -9.83 -24.81 2.59
C TYR A 83 -9.22 -26.21 2.72
N ILE A 84 -8.43 -26.64 1.72
CA ILE A 84 -7.73 -27.93 1.78
C ILE A 84 -6.74 -28.00 2.95
N GLY A 85 -6.05 -26.89 3.21
CA GLY A 85 -5.09 -26.75 4.30
C GLY A 85 -5.71 -26.61 5.67
N GLY A 86 -7.05 -26.48 5.74
CA GLY A 86 -7.75 -26.28 7.00
C GLY A 86 -7.59 -24.89 7.57
N VAL A 87 -7.08 -23.96 6.76
CA VAL A 87 -6.96 -22.56 7.18
C VAL A 87 -8.33 -21.91 7.05
N ILE A 88 -9.01 -22.17 5.94
CA ILE A 88 -10.43 -21.86 5.83
C ILE A 88 -11.15 -23.09 6.34
N THR A 89 -11.83 -22.97 7.48
CA THR A 89 -12.44 -24.14 8.14
C THR A 89 -13.90 -24.39 7.75
N GLU A 90 -14.53 -23.40 7.14
CA GLU A 90 -15.93 -23.49 6.83
C GLU A 90 -16.12 -23.51 5.32
N ARG A 91 -16.47 -24.68 4.79
CA ARG A 91 -16.73 -24.85 3.34
C ARG A 91 -17.67 -23.80 2.79
N GLN A 92 -18.72 -23.47 3.55
CA GLN A 92 -19.72 -22.53 3.06
C GLN A 92 -19.14 -21.13 2.83
N LYS A 93 -18.05 -20.81 3.54
CA LYS A 93 -17.39 -19.53 3.34
C LYS A 93 -16.84 -19.37 1.93
N LEU A 94 -16.66 -20.49 1.22
CA LEU A 94 -16.18 -20.45 -0.17
C LEU A 94 -17.25 -19.96 -1.15
N LEU A 95 -18.48 -19.86 -0.69
CA LEU A 95 -19.57 -19.38 -1.53
C LEU A 95 -19.73 -17.88 -1.30
N VAL A 96 -19.27 -17.07 -2.25
CA VAL A 96 -19.31 -15.61 -2.14
C VAL A 96 -20.74 -15.07 -2.32
N GLN A 97 -21.47 -15.71 -3.22
CA GLN A 97 -22.90 -15.46 -3.48
C GLN A 97 -23.54 -16.82 -3.66
N THR A 98 -24.74 -17.01 -3.12
CA THR A 98 -25.52 -18.22 -3.39
C THR A 98 -26.51 -17.95 -4.52
N VAL A 99 -26.90 -19.00 -5.23
CA VAL A 99 -27.85 -18.90 -6.33
C VAL A 99 -29.15 -18.22 -5.89
N GLU A 100 -29.67 -18.64 -4.75
CA GLU A 100 -30.90 -18.08 -4.19
C GLU A 100 -30.78 -16.58 -3.92
N ARG A 101 -29.77 -16.18 -3.14
CA ARG A 101 -29.58 -14.79 -2.76
C ARG A 101 -29.36 -13.93 -3.99
N SER A 103 -29.98 -14.49 -7.29
CA SER A 103 -31.07 -14.38 -8.27
C SER A 103 -32.17 -13.44 -7.77
N LYS A 104 -32.41 -13.46 -6.46
CA LYS A 104 -33.37 -12.59 -5.82
C LYS A 104 -32.90 -11.14 -5.75
N ARG A 105 -31.68 -10.93 -5.27
CA ARG A 105 -31.17 -9.56 -5.15
C ARG A 105 -31.14 -8.83 -6.50
N PHE A 106 -30.63 -9.51 -7.54
CA PHE A 106 -30.45 -8.86 -8.84
C PHE A 106 -31.44 -9.32 -9.93
N ASN A 107 -32.53 -9.98 -9.53
CA ASN A 107 -33.54 -10.46 -10.47
C ASN A 107 -32.87 -11.15 -11.67
N LEU A 108 -32.01 -12.11 -11.37
CA LEU A 108 -31.26 -12.82 -12.39
C LEU A 108 -31.82 -14.24 -12.57
N ASP A 109 -31.97 -14.64 -13.82
CA ASP A 109 -32.33 -16.01 -14.15
C ASP A 109 -31.02 -16.82 -14.18
N ILE A 110 -30.70 -17.44 -13.06
CA ILE A 110 -29.45 -18.17 -12.87
C ILE A 110 -29.68 -19.67 -13.00
N ARG A 111 -28.91 -20.29 -13.88
CA ARG A 111 -29.12 -21.69 -14.19
C ARG A 111 -27.83 -22.46 -13.99
N VAL A 112 -27.67 -23.00 -12.77
CA VAL A 112 -26.53 -23.85 -12.45
C VAL A 112 -26.78 -25.27 -12.96
N LEU A 113 -25.72 -26.09 -12.98
CA LEU A 113 -25.79 -27.43 -13.55
C LEU A 113 -26.35 -27.42 -14.97
N SER A 114 -25.97 -26.37 -15.70
CA SER A 114 -26.43 -26.14 -17.05
C SER A 114 -25.21 -25.84 -17.91
N GLU A 115 -24.99 -26.67 -18.93
CA GLU A 115 -23.81 -26.54 -19.77
C GLU A 115 -24.19 -26.02 -21.15
N VAL A 116 -23.53 -24.94 -21.55
CA VAL A 116 -23.70 -24.45 -22.91
C VAL A 116 -22.88 -25.37 -23.82
N VAL A 117 -23.58 -26.08 -24.70
CA VAL A 117 -22.88 -27.04 -25.54
C VAL A 117 -22.49 -26.52 -26.92
N LYS A 118 -23.16 -25.45 -27.37
CA LYS A 118 -22.91 -24.91 -28.69
C LYS A 118 -23.47 -23.50 -28.80
N ILE A 119 -22.74 -22.64 -29.50
CA ILE A 119 -23.27 -21.33 -29.89
C ILE A 119 -23.73 -21.41 -31.34
N ASN A 120 -24.88 -20.80 -31.61
CA ASN A 120 -25.45 -20.73 -32.95
C ASN A 120 -25.56 -19.26 -33.31
N LYS A 121 -24.47 -18.69 -33.82
CA LYS A 121 -24.31 -17.24 -33.84
C LYS A 121 -25.17 -16.52 -34.87
N GLU A 122 -25.42 -17.18 -36.00
CA GLU A 122 -26.28 -16.58 -37.03
C GLU A 122 -27.78 -16.74 -36.71
N GLU A 123 -28.09 -17.72 -35.87
CA GLU A 123 -29.43 -17.91 -35.32
C GLU A 123 -29.62 -17.03 -34.09
N LYS A 124 -28.50 -16.60 -33.49
CA LYS A 124 -28.49 -15.88 -32.21
C LYS A 124 -29.15 -16.68 -31.09
N THR A 125 -28.82 -17.97 -31.02
CA THR A 125 -29.21 -18.79 -29.88
C THR A 125 -28.01 -19.59 -29.40
N ILE A 126 -28.10 -20.09 -28.18
CA ILE A 126 -27.14 -21.06 -27.69
C ILE A 126 -27.88 -22.35 -27.34
N THR A 127 -27.17 -23.47 -27.36
CA THR A 127 -27.77 -24.73 -26.95
C THR A 127 -27.27 -25.10 -25.55
N ILE A 128 -28.23 -25.32 -24.66
CA ILE A 128 -27.95 -25.59 -23.25
C ILE A 128 -28.39 -27.01 -22.88
N LYS A 129 -27.55 -27.71 -22.14
CA LYS A 129 -27.90 -29.00 -21.58
C LYS A 129 -28.06 -28.90 -20.06
N ASN A 130 -29.24 -29.26 -19.57
CA ASN A 130 -29.45 -29.44 -18.14
C ASN A 130 -28.78 -30.75 -17.70
N VAL A 131 -27.74 -30.64 -16.88
CA VAL A 131 -26.90 -31.79 -16.54
C VAL A 131 -27.65 -32.81 -15.68
N THR A 132 -28.57 -32.31 -14.87
CA THR A 132 -29.37 -33.15 -13.97
C THR A 132 -30.41 -34.00 -14.72
N THR A 133 -31.22 -33.34 -15.54
CA THR A 133 -32.36 -33.97 -16.21
C THR A 133 -32.05 -34.45 -17.64
N ASN A 134 -30.88 -34.07 -18.16
CA ASN A 134 -30.49 -34.36 -19.56
C ASN A 134 -31.37 -33.71 -20.62
N GLU A 135 -32.24 -32.78 -20.24
CA GLU A 135 -32.96 -32.04 -21.26
C GLU A 135 -32.06 -31.00 -21.90
N THR A 136 -32.19 -30.85 -23.21
CA THR A 136 -31.47 -29.81 -23.94
C THR A 136 -32.48 -28.88 -24.58
N TYR A 137 -32.09 -27.63 -24.74
CA TYR A 137 -32.94 -26.63 -25.35
C TYR A 137 -32.10 -25.49 -25.90
N ASN A 138 -32.70 -24.69 -26.78
CA ASN A 138 -32.06 -23.52 -27.32
C ASN A 138 -32.54 -22.24 -26.61
N GLU A 139 -31.62 -21.31 -26.39
CA GLU A 139 -31.96 -20.06 -25.73
C GLU A 139 -31.53 -18.89 -26.61
N ALA A 140 -32.49 -18.08 -27.04
CA ALA A 140 -32.21 -16.90 -27.86
C ALA A 140 -31.53 -15.81 -27.03
N TYR A 141 -30.69 -15.01 -27.68
CA TYR A 141 -30.04 -13.88 -27.04
C TYR A 141 -30.01 -12.67 -27.96
N ASP A 142 -29.94 -11.47 -27.38
CA ASP A 142 -29.59 -10.27 -28.15
C ASP A 142 -28.10 -9.99 -27.95
N VAL A 143 -27.61 -10.24 -26.74
CA VAL A 143 -26.20 -10.10 -26.39
C VAL A 143 -25.77 -11.40 -25.70
N LEU A 144 -24.65 -11.98 -26.17
CA LEU A 144 -24.04 -13.16 -25.54
C LEU A 144 -22.69 -12.80 -24.91
N ILE A 145 -22.51 -13.16 -23.64
CA ILE A 145 -21.24 -12.91 -22.94
C ILE A 145 -20.59 -14.20 -22.51
N LEU A 146 -19.35 -14.39 -22.95
CA LEU A 146 -18.62 -15.59 -22.63
C LEU A 146 -17.58 -15.34 -21.56
N SER A 147 -17.76 -15.95 -20.40
CA SER A 147 -16.72 -15.94 -19.37
C SER A 147 -16.47 -17.34 -18.81
N PRO A 148 -16.02 -18.27 -19.68
CA PRO A 148 -15.93 -19.69 -19.34
C PRO A 148 -14.63 -20.06 -18.62
N GLY A 149 -13.72 -19.09 -18.49
CA GLY A 149 -12.48 -19.28 -17.76
C GLY A 149 -11.43 -20.11 -18.46
N ALA A 150 -10.71 -20.90 -17.66
CA ALA A 150 -9.56 -21.65 -18.16
C ALA A 150 -9.45 -22.95 -17.38
N LYS A 151 -9.11 -24.03 -18.07
CA LYS A 151 -9.09 -25.36 -17.47
C LYS A 151 -7.65 -25.82 -17.19
N PRO A 152 -7.45 -26.69 -16.18
CA PRO A 152 -6.09 -27.19 -15.89
C PRO A 152 -5.44 -27.93 -17.05
N ILE A 153 -4.15 -27.69 -17.28
CA ILE A 153 -3.39 -28.44 -18.27
C ILE A 153 -3.10 -29.82 -17.69
N VAL A 154 -3.58 -30.85 -18.39
CA VAL A 154 -3.36 -32.23 -17.95
C VAL A 154 -2.40 -32.90 -18.92
N PRO A 155 -1.17 -33.21 -18.46
CA PRO A 155 -0.15 -33.73 -19.35
C PRO A 155 -0.41 -35.18 -19.71
N SER A 156 0.05 -35.59 -20.89
CA SER A 156 -0.01 -36.98 -21.27
C SER A 156 1.25 -37.66 -20.71
N ILE A 157 1.16 -38.09 -19.46
CA ILE A 157 2.21 -38.84 -18.77
C ILE A 157 1.77 -40.29 -18.72
N PRO A 158 2.65 -41.23 -19.11
CA PRO A 158 2.31 -42.64 -18.97
C PRO A 158 1.99 -42.99 -17.52
N GLY A 159 0.84 -43.64 -17.31
CA GLY A 159 0.39 -44.03 -15.98
C GLY A 159 -0.62 -43.08 -15.37
N ILE A 160 -0.77 -41.89 -15.96
CA ILE A 160 -1.64 -40.84 -15.41
C ILE A 160 -3.10 -41.28 -15.28
N GLU A 161 -3.56 -42.10 -16.23
CA GLU A 161 -4.92 -42.64 -16.22
C GLU A 161 -5.16 -43.50 -15.00
N GLU A 162 -4.17 -44.32 -14.64
CA GLU A 162 -4.28 -45.24 -13.51
C GLU A 162 -3.90 -44.62 -12.15
N ALA A 163 -3.40 -43.39 -12.15
CA ALA A 163 -2.97 -42.71 -10.93
C ALA A 163 -4.15 -42.31 -10.06
N LYS A 164 -4.43 -43.17 -9.09
CA LYS A 164 -5.59 -43.09 -8.21
C LYS A 164 -5.65 -41.82 -7.35
N ALA A 165 -4.50 -41.35 -6.88
CA ALA A 165 -4.44 -40.19 -5.98
C ALA A 165 -3.82 -38.97 -6.65
N LEU A 166 -4.12 -38.78 -7.92
CA LEU A 166 -3.69 -37.62 -8.69
C LEU A 166 -4.87 -36.66 -8.76
N PHE A 167 -4.62 -35.37 -8.55
CA PHE A 167 -5.69 -34.38 -8.49
C PHE A 167 -5.29 -33.08 -9.19
N THR A 168 -6.24 -32.50 -9.93
CA THR A 168 -6.16 -31.10 -10.35
C THR A 168 -7.09 -30.26 -9.47
N LEU A 169 -6.85 -28.96 -9.44
CA LEU A 169 -7.62 -28.04 -8.62
C LEU A 169 -8.20 -26.91 -9.46
N ARG A 170 -9.51 -26.92 -9.66
CA ARG A 170 -10.17 -25.79 -10.27
C ARG A 170 -11.41 -25.34 -9.49
N ASN A 171 -12.26 -26.29 -9.14
CA ASN A 171 -13.55 -25.96 -8.58
C ASN A 171 -13.81 -26.56 -7.21
N VAL A 172 -14.99 -26.33 -6.68
CA VAL A 172 -15.38 -26.83 -5.37
C VAL A 172 -15.39 -28.39 -5.28
N PRO A 173 -16.06 -29.08 -6.23
CA PRO A 173 -15.92 -30.54 -6.27
C PRO A 173 -14.47 -31.06 -6.29
N ASP A 174 -13.56 -30.43 -7.05
CA ASP A 174 -12.13 -30.79 -7.00
C ASP A 174 -11.61 -30.72 -5.56
N THR A 175 -11.99 -29.63 -4.89
CA THR A 175 -11.57 -29.35 -3.53
C THR A 175 -12.08 -30.39 -2.54
N ASP A 176 -13.38 -30.72 -2.64
CA ASP A 176 -14.00 -31.73 -1.80
C ASP A 176 -13.28 -33.07 -1.93
N ARG A 177 -12.91 -33.41 -3.16
CA ARG A 177 -12.27 -34.68 -3.50
C ARG A 177 -10.87 -34.82 -2.89
N ILE A 178 -10.06 -33.77 -3.04
CA ILE A 178 -8.72 -33.70 -2.47
C ILE A 178 -8.82 -33.76 -0.95
N LYS A 179 -9.77 -33.02 -0.38
CA LYS A 179 -9.90 -32.98 1.07
C LYS A 179 -10.40 -34.32 1.63
N ALA A 180 -11.34 -34.95 0.93
CA ALA A 180 -11.86 -36.27 1.32
C ALA A 180 -10.74 -37.29 1.32
N TYR A 181 -9.88 -37.23 0.29
CA TYR A 181 -8.79 -38.19 0.17
C TYR A 181 -7.83 -38.04 1.35
N ILE A 182 -7.47 -36.81 1.69
CA ILE A 182 -6.60 -36.55 2.84
C ILE A 182 -7.24 -37.06 4.13
N ASP A 183 -8.49 -36.66 4.37
CA ASP A 183 -9.24 -37.01 5.58
C ASP A 183 -9.38 -38.53 5.72
N GLU A 184 -9.67 -39.21 4.61
CA GLU A 184 -9.98 -40.64 4.64
C GLU A 184 -8.76 -41.57 4.47
N LYS A 185 -7.85 -41.22 3.55
CA LYS A 185 -6.72 -42.12 3.26
C LYS A 185 -5.41 -41.78 4.00
N LYS A 186 -5.39 -40.65 4.68
CA LYS A 186 -4.26 -40.24 5.56
C LYS A 186 -2.89 -40.22 4.86
N PRO A 187 -2.78 -39.50 3.73
CA PRO A 187 -1.50 -39.48 3.02
C PRO A 187 -0.39 -38.92 3.93
N ARG A 188 0.82 -39.46 3.81
CA ARG A 188 1.93 -38.96 4.61
C ARG A 188 2.90 -38.10 3.77
N HIS A 189 2.95 -38.37 2.48
CA HIS A 189 3.74 -37.58 1.55
C HIS A 189 2.91 -37.20 0.32
N ALA A 190 3.06 -35.95 -0.13
CA ALA A 190 2.45 -35.46 -1.35
C ALA A 190 3.47 -34.90 -2.33
N THR A 191 3.22 -35.08 -3.63
CA THR A 191 4.05 -34.50 -4.66
C THR A 191 3.25 -33.44 -5.43
N VAL A 192 3.86 -32.26 -5.57
CA VAL A 192 3.22 -31.20 -6.33
C VAL A 192 4.01 -31.01 -7.60
N ILE A 193 3.32 -31.12 -8.74
CA ILE A 193 3.93 -30.95 -10.05
C ILE A 193 3.57 -29.57 -10.56
N GLY A 194 4.58 -28.70 -10.68
CA GLY A 194 4.38 -27.31 -11.09
C GLY A 194 4.53 -26.33 -9.93
N GLY A 195 5.50 -25.42 -10.06
CA GLY A 195 5.81 -24.48 -8.98
C GLY A 195 5.36 -23.05 -9.24
N GLY A 196 4.21 -22.89 -9.88
CA GLY A 196 3.63 -21.56 -10.06
C GLY A 196 3.06 -21.08 -8.73
N PHE A 197 2.51 -19.87 -8.73
CA PHE A 197 1.92 -19.27 -7.51
C PHE A 197 0.93 -20.24 -6.81
N ILE A 198 0.07 -20.92 -7.55
CA ILE A 198 -0.88 -21.87 -6.96
C ILE A 198 -0.27 -23.22 -6.54
N GLY A 199 0.66 -23.75 -7.34
CA GLY A 199 1.47 -24.91 -6.91
C GLY A 199 2.08 -24.66 -5.55
N VAL A 200 2.71 -23.48 -5.41
CA VAL A 200 3.37 -23.06 -4.18
C VAL A 200 2.41 -22.97 -2.97
N GLU A 201 1.21 -22.43 -3.20
CA GLU A 201 0.16 -22.32 -2.18
C GLU A 201 -0.35 -23.71 -1.78
N VAL A 203 1.63 -26.41 -2.00
CA VAL A 203 2.74 -26.90 -1.18
C VAL A 203 2.55 -26.47 0.29
N GLU A 204 2.32 -25.18 0.52
CA GLU A 204 2.13 -24.67 1.87
C GLU A 204 0.97 -25.32 2.63
N ASN A 205 -0.18 -25.40 1.97
CA ASN A 205 -1.37 -25.95 2.60
C ASN A 205 -1.31 -27.44 2.90
N LEU A 206 -0.63 -28.20 2.06
CA LEU A 206 -0.35 -29.61 2.36
C LEU A 206 0.55 -29.80 3.60
N ARG A 207 1.67 -29.08 3.64
CA ARG A 207 2.52 -28.99 4.84
C ARG A 207 1.73 -28.63 6.09
N GLU A 208 0.84 -27.64 5.96
CA GLU A 208 -0.02 -27.21 7.06
C GLU A 208 -0.84 -28.37 7.64
N ARG A 209 -1.23 -29.33 6.79
CA ARG A 209 -1.99 -30.48 7.23
C ARG A 209 -1.08 -31.56 7.84
N GLY A 210 0.23 -31.31 7.82
CA GLY A 210 1.20 -32.26 8.39
C GLY A 210 1.68 -33.28 7.37
N ILE A 211 1.44 -33.01 6.10
CA ILE A 211 1.87 -33.85 5.01
C ILE A 211 3.26 -33.42 4.54
N GLU A 212 4.18 -34.37 4.41
CA GLU A 212 5.50 -34.09 3.85
C GLU A 212 5.34 -33.77 2.36
N VAL A 213 6.07 -32.77 1.85
CA VAL A 213 5.90 -32.39 0.45
C VAL A 213 7.18 -32.33 -0.40
N THR A 214 7.07 -32.90 -1.59
CA THR A 214 8.06 -32.67 -2.63
C THR A 214 7.42 -31.91 -3.79
N LEU A 215 8.10 -30.83 -4.22
CA LEU A 215 7.68 -30.05 -5.36
C LEU A 215 8.58 -30.34 -6.57
N VAL A 216 7.96 -30.70 -7.70
CA VAL A 216 8.68 -30.99 -8.94
C VAL A 216 8.42 -29.91 -9.99
N GLU A 217 9.51 -29.32 -10.50
CA GLU A 217 9.44 -28.20 -11.44
C GLU A 217 10.43 -28.42 -12.60
N ALA A 219 11.44 -26.00 -14.67
CA ALA A 219 12.30 -24.83 -14.70
C ALA A 219 13.36 -24.91 -13.59
N ASN A 220 14.24 -23.93 -13.52
CA ASN A 220 15.26 -23.92 -12.47
C ASN A 220 14.85 -23.08 -11.27
N GLN A 221 13.57 -22.73 -11.22
CA GLN A 221 13.04 -21.88 -10.15
C GLN A 221 11.54 -22.13 -9.98
N VAL A 222 11.04 -21.84 -8.78
CA VAL A 222 9.60 -21.75 -8.58
C VAL A 222 9.17 -20.41 -9.13
N PRO A 224 7.33 -18.69 -12.10
CA PRO A 224 7.72 -18.06 -13.38
C PRO A 224 7.69 -16.54 -13.43
N PRO A 225 6.64 -15.90 -12.86
CA PRO A 225 6.61 -14.43 -12.90
C PRO A 225 7.80 -13.71 -12.28
N ILE A 226 8.50 -14.32 -11.33
CA ILE A 226 9.66 -13.65 -10.72
C ILE A 226 10.96 -14.12 -11.36
N ASP A 227 12.01 -13.31 -11.25
CA ASP A 227 13.32 -13.66 -11.77
C ASP A 227 14.11 -14.63 -10.87
N TYR A 228 15.13 -15.26 -11.45
CA TYR A 228 15.90 -16.33 -10.80
C TYR A 228 16.45 -15.96 -9.43
N GLU A 229 17.06 -14.79 -9.33
CA GLU A 229 17.69 -14.39 -8.07
C GLU A 229 16.68 -14.09 -6.95
N ALA A 231 13.71 -15.71 -6.83
CA ALA A 231 13.25 -17.06 -6.51
C ALA A 231 14.18 -17.74 -5.51
N ALA A 232 15.47 -17.40 -5.55
CA ALA A 232 16.46 -17.99 -4.64
C ALA A 232 16.11 -17.79 -3.16
N TYR A 233 15.58 -16.61 -2.82
CA TYR A 233 15.07 -16.33 -1.48
C TYR A 233 13.86 -17.20 -1.18
N VAL A 234 12.92 -17.28 -2.12
CA VAL A 234 11.73 -18.10 -1.93
C VAL A 234 12.13 -19.56 -1.66
N HIS A 235 13.08 -20.08 -2.45
CA HIS A 235 13.56 -21.47 -2.27
C HIS A 235 14.09 -21.71 -0.88
N GLU A 236 14.85 -20.73 -0.35
CA GLU A 236 15.36 -20.80 1.01
C GLU A 236 14.24 -20.97 2.05
N HIS A 237 13.22 -20.12 1.94
CA HIS A 237 12.09 -20.15 2.85
C HIS A 237 11.28 -21.43 2.76
N LYS A 239 12.50 -24.43 1.76
CA LYS A 239 13.34 -25.51 2.27
C LYS A 239 13.45 -25.42 3.80
N ASN A 240 13.39 -24.21 4.33
CA ASN A 240 13.37 -24.05 5.79
C ASN A 240 12.10 -24.57 6.45
N HIS A 241 11.06 -24.79 5.65
CA HIS A 241 9.81 -25.40 6.12
C HIS A 241 9.72 -26.84 5.70
N ASP A 242 10.88 -27.40 5.36
CA ASP A 242 11.11 -28.81 4.99
C ASP A 242 10.47 -29.34 3.71
N VAL A 243 10.24 -28.43 2.76
CA VAL A 243 9.82 -28.82 1.42
C VAL A 243 11.02 -29.29 0.61
N GLU A 244 10.90 -30.44 -0.03
CA GLU A 244 11.91 -30.90 -0.97
C GLU A 244 11.66 -30.26 -2.33
N LEU A 245 12.68 -29.57 -2.86
CA LEU A 245 12.55 -28.92 -4.16
C LEU A 245 13.34 -29.67 -5.20
N VAL A 246 12.64 -30.08 -6.25
CA VAL A 246 13.25 -30.78 -7.38
C VAL A 246 13.12 -29.88 -8.60
N PHE A 247 14.26 -29.46 -9.16
CA PHE A 247 14.27 -28.52 -10.29
C PHE A 247 14.82 -29.16 -11.55
N GLU A 248 14.47 -28.59 -12.71
CA GLU A 248 14.94 -29.08 -14.00
C GLU A 248 14.73 -30.58 -14.18
N ASP A 249 13.58 -31.04 -13.70
CA ASP A 249 13.18 -32.42 -13.79
C ASP A 249 11.68 -32.41 -14.09
N GLY A 250 11.15 -33.51 -14.57
CA GLY A 250 9.72 -33.60 -14.80
C GLY A 250 9.30 -35.03 -14.58
N VAL A 251 7.99 -35.25 -14.48
CA VAL A 251 7.50 -36.60 -14.37
C VAL A 251 7.65 -37.28 -15.73
N ASP A 252 8.40 -38.37 -15.75
CA ASP A 252 8.53 -39.17 -16.95
C ASP A 252 7.43 -40.21 -16.99
N ALA A 253 7.15 -40.82 -15.85
CA ALA A 253 6.10 -41.81 -15.75
C ALA A 253 5.53 -41.85 -14.34
N LEU A 254 4.26 -42.22 -14.26
CA LEU A 254 3.65 -42.58 -12.99
C LEU A 254 3.52 -44.09 -12.92
N GLU A 255 4.16 -44.68 -11.90
CA GLU A 255 4.15 -46.12 -11.73
C GLU A 255 3.40 -46.51 -10.46
N GLU A 256 3.08 -47.79 -10.33
CA GLU A 256 2.44 -48.35 -9.13
C GLU A 256 1.16 -47.59 -8.78
N ASN A 257 0.35 -47.29 -9.80
CA ASN A 257 -0.90 -46.56 -9.60
C ASN A 257 -0.72 -45.15 -9.00
N GLY A 258 0.39 -44.51 -9.35
CA GLY A 258 0.70 -43.15 -8.91
C GLY A 258 1.48 -43.07 -7.61
N ALA A 259 1.68 -44.23 -6.98
CA ALA A 259 2.45 -44.31 -5.73
C ALA A 259 3.93 -44.13 -6.00
N VAL A 260 4.34 -44.31 -7.25
CA VAL A 260 5.74 -44.16 -7.68
C VAL A 260 5.81 -43.15 -8.81
N VAL A 261 6.62 -42.10 -8.60
CA VAL A 261 6.84 -41.03 -9.59
C VAL A 261 8.25 -41.16 -10.17
N ARG A 262 8.34 -41.56 -11.43
CA ARG A 262 9.62 -41.65 -12.13
C ARG A 262 9.94 -40.35 -12.81
N LEU A 263 11.03 -39.72 -12.39
CA LEU A 263 11.43 -38.44 -12.96
C LEU A 263 12.22 -38.62 -14.25
N LYS A 264 12.10 -37.64 -15.15
CA LYS A 264 12.80 -37.63 -16.45
C LYS A 264 14.27 -37.95 -16.30
N SER A 265 14.91 -37.30 -15.33
CA SER A 265 16.32 -37.51 -14.99
C SER A 265 16.66 -38.98 -14.73
N GLY A 266 15.70 -39.72 -14.18
CA GLY A 266 15.92 -41.10 -13.77
C GLY A 266 15.58 -41.37 -12.32
N SER A 267 15.55 -40.32 -11.50
CA SER A 267 15.23 -40.44 -10.07
C SER A 267 13.75 -40.78 -9.80
N VAL A 268 13.46 -41.20 -8.57
CA VAL A 268 12.14 -41.71 -8.20
C VAL A 268 11.66 -41.09 -6.89
N ILE A 269 10.34 -40.82 -6.82
CA ILE A 269 9.69 -40.31 -5.61
C ILE A 269 8.55 -41.25 -5.21
N GLN A 270 8.60 -41.74 -3.97
CA GLN A 270 7.52 -42.54 -3.42
C GLN A 270 6.56 -41.59 -2.74
N THR A 271 5.28 -41.70 -3.07
CA THR A 271 4.29 -40.70 -2.67
C THR A 271 2.90 -41.30 -2.44
N ASP A 272 2.07 -40.56 -1.71
CA ASP A 272 0.73 -40.98 -1.37
C ASP A 272 -0.34 -40.20 -2.11
N LEU A 274 -0.78 -36.86 -5.51
CA LEU A 274 -0.20 -35.89 -6.42
C LEU A 274 -1.16 -34.77 -6.76
N ILE A 275 -0.64 -33.55 -6.72
CA ILE A 275 -1.38 -32.38 -7.16
C ILE A 275 -0.72 -31.86 -8.44
N LEU A 276 -1.50 -31.80 -9.51
CA LEU A 276 -1.06 -31.23 -10.78
C LEU A 276 -1.36 -29.75 -10.77
N ALA A 277 -0.34 -28.92 -10.89
CA ALA A 277 -0.49 -27.48 -11.00
C ALA A 277 0.46 -26.93 -12.07
N ILE A 278 0.30 -27.41 -13.29
CA ILE A 278 1.18 -26.99 -14.39
C ILE A 278 0.62 -25.87 -15.27
N GLY A 279 -0.39 -25.16 -14.77
CA GLY A 279 -0.93 -24.03 -15.51
C GLY A 279 -2.28 -24.37 -16.11
N VAL A 280 -2.83 -23.38 -16.83
CA VAL A 280 -4.17 -23.46 -17.40
C VAL A 280 -4.21 -23.11 -18.90
N GLN A 281 -5.25 -23.55 -19.57
CA GLN A 281 -5.49 -23.23 -20.97
C GLN A 281 -6.91 -22.69 -21.12
N PRO A 282 -7.09 -21.64 -21.96
CA PRO A 282 -8.38 -20.96 -22.03
C PRO A 282 -9.48 -21.90 -22.52
N GLU A 283 -10.67 -21.75 -21.95
CA GLU A 283 -11.82 -22.55 -22.37
C GLU A 283 -12.48 -21.91 -23.58
N SER A 284 -11.87 -22.08 -24.74
CA SER A 284 -12.33 -21.42 -25.96
C SER A 284 -13.05 -22.34 -26.94
N SER A 285 -13.39 -23.56 -26.52
CA SER A 285 -14.08 -24.52 -27.40
C SER A 285 -15.43 -24.06 -27.96
N LEU A 286 -16.21 -23.32 -27.17
CA LEU A 286 -17.47 -22.76 -27.67
C LEU A 286 -17.16 -21.76 -28.79
N ALA A 287 -16.12 -20.95 -28.57
CA ALA A 287 -15.64 -19.98 -29.55
C ALA A 287 -15.18 -20.65 -30.85
N LYS A 288 -14.21 -21.57 -30.76
CA LYS A 288 -13.74 -22.38 -31.89
C LYS A 288 -14.91 -23.02 -32.65
N GLY A 289 -15.84 -23.61 -31.90
CA GLY A 289 -17.05 -24.21 -32.47
C GLY A 289 -17.99 -23.25 -33.18
N ALA A 290 -17.95 -21.97 -32.82
CA ALA A 290 -18.78 -20.94 -33.45
C ALA A 290 -18.02 -20.23 -34.57
N GLY A 291 -16.77 -20.64 -34.77
CA GLY A 291 -15.91 -20.01 -35.77
C GLY A 291 -15.49 -18.62 -35.39
N LEU A 292 -15.40 -18.35 -34.09
CA LEU A 292 -14.93 -17.05 -33.61
C LEU A 292 -13.41 -16.98 -33.64
N ALA A 293 -12.86 -15.78 -33.88
CA ALA A 293 -11.42 -15.60 -33.95
C ALA A 293 -10.73 -15.88 -32.59
N LEU A 294 -9.61 -16.58 -32.65
CA LEU A 294 -8.82 -16.87 -31.46
C LEU A 294 -7.57 -16.00 -31.42
N GLY A 295 -7.05 -15.76 -30.23
CA GLY A 295 -5.81 -15.01 -30.08
C GLY A 295 -4.70 -15.94 -29.64
N VAL A 296 -3.68 -15.39 -28.99
CA VAL A 296 -2.50 -16.14 -28.57
C VAL A 296 -2.86 -17.29 -27.64
N ARG A 297 -2.23 -18.45 -27.85
CA ARG A 297 -2.43 -19.63 -26.98
C ARG A 297 -3.88 -20.13 -26.96
N GLY A 298 -4.62 -19.90 -28.03
CA GLY A 298 -6.00 -20.35 -28.13
C GLY A 298 -7.03 -19.57 -27.31
N THR A 299 -6.67 -18.37 -26.88
CA THR A 299 -7.60 -17.50 -26.18
C THR A 299 -8.67 -17.04 -27.17
N ILE A 300 -9.79 -16.58 -26.64
CA ILE A 300 -10.78 -15.91 -27.45
C ILE A 300 -10.24 -14.52 -27.74
N LYS A 301 -10.21 -14.14 -29.02
CA LYS A 301 -9.78 -12.80 -29.38
C LYS A 301 -10.90 -11.75 -29.29
N VAL A 302 -10.61 -10.66 -28.59
CA VAL A 302 -11.54 -9.52 -28.51
C VAL A 302 -10.90 -8.19 -28.89
N ASN A 303 -11.73 -7.22 -29.25
CA ASN A 303 -11.28 -5.86 -29.49
C ASN A 303 -11.31 -5.07 -28.19
N GLU A 304 -11.16 -3.76 -28.31
CA GLU A 304 -11.05 -2.83 -27.17
C GLU A 304 -12.30 -2.82 -26.28
N LYS A 305 -13.41 -3.31 -26.82
CA LYS A 305 -14.69 -3.30 -26.12
C LYS A 305 -15.11 -4.70 -25.68
N PHE A 306 -14.17 -5.64 -25.68
CA PHE A 306 -14.41 -7.07 -25.35
C PHE A 306 -15.28 -7.81 -26.38
N GLN A 307 -15.57 -7.17 -27.51
CA GLN A 307 -16.35 -7.81 -28.56
C GLN A 307 -15.49 -8.85 -29.30
N THR A 308 -16.06 -10.04 -29.50
CA THR A 308 -15.43 -11.06 -30.33
C THR A 308 -15.57 -10.69 -31.82
N SER A 309 -15.21 -11.60 -32.72
CA SER A 309 -15.36 -11.37 -34.16
C SER A 309 -16.83 -11.39 -34.57
N ASP A 310 -17.71 -11.77 -33.64
CA ASP A 310 -19.15 -11.61 -33.83
C ASP A 310 -19.68 -10.44 -33.00
N PRO A 311 -20.37 -9.48 -33.65
CA PRO A 311 -20.81 -8.21 -33.03
C PRO A 311 -21.70 -8.37 -31.80
N HIS A 312 -22.38 -9.51 -31.69
CA HIS A 312 -23.33 -9.76 -30.61
C HIS A 312 -22.75 -10.60 -29.49
N ILE A 313 -21.50 -11.03 -29.64
CA ILE A 313 -20.88 -11.90 -28.64
C ILE A 313 -19.63 -11.23 -28.06
N TYR A 314 -19.62 -11.09 -26.74
CA TYR A 314 -18.51 -10.52 -25.99
C TYR A 314 -17.84 -11.62 -25.19
N ALA A 315 -16.60 -11.39 -24.79
CA ALA A 315 -15.85 -12.35 -23.98
C ALA A 315 -14.88 -11.65 -23.03
N ILE A 316 -14.73 -12.21 -21.84
CA ILE A 316 -13.93 -11.63 -20.76
C ILE A 316 -13.31 -12.77 -19.96
N GLY A 317 -12.40 -12.44 -19.04
CA GLY A 317 -11.92 -13.42 -18.04
C GLY A 317 -10.70 -14.18 -18.51
N ASP A 318 -10.37 -15.29 -17.85
CA ASP A 318 -9.18 -16.10 -18.21
C ASP A 318 -9.14 -16.52 -19.68
N ALA A 319 -10.33 -16.64 -20.29
CA ALA A 319 -10.47 -17.15 -21.65
C ALA A 319 -9.98 -16.18 -22.73
N ILE A 320 -9.85 -14.88 -22.41
CA ILE A 320 -9.49 -13.92 -23.46
C ILE A 320 -8.01 -13.53 -23.55
N GLU A 321 -7.65 -13.06 -24.73
CA GLU A 321 -6.39 -12.39 -24.97
C GLU A 321 -6.50 -10.96 -24.48
N VAL A 322 -5.47 -10.53 -23.76
CA VAL A 322 -5.34 -9.15 -23.31
C VAL A 322 -4.00 -8.59 -23.81
N LYS A 323 -3.87 -7.29 -23.78
CA LYS A 323 -2.58 -6.68 -24.01
C LYS A 323 -1.93 -6.44 -22.66
N ASP A 324 -0.64 -6.73 -22.50
CA ASP A 324 -0.01 -6.34 -21.24
C ASP A 324 0.08 -4.82 -21.22
N PHE A 325 -0.05 -4.24 -20.02
CA PHE A 325 -0.11 -2.80 -19.87
C PHE A 325 1.20 -2.12 -20.29
N VAL A 326 2.32 -2.74 -19.93
CA VAL A 326 3.64 -2.16 -20.11
C VAL A 326 4.08 -2.04 -21.57
N THR A 327 3.93 -3.13 -22.33
CA THR A 327 4.41 -3.15 -23.70
C THR A 327 3.30 -3.25 -24.74
N GLU A 328 2.06 -3.49 -24.28
CA GLU A 328 0.90 -3.71 -25.15
C GLU A 328 1.09 -4.91 -26.08
N THR A 329 1.75 -5.95 -25.57
CA THR A 329 1.95 -7.21 -26.28
C THR A 329 0.77 -8.14 -25.96
N GLU A 330 0.27 -8.83 -26.98
CA GLU A 330 -0.83 -9.77 -26.80
C GLU A 330 -0.36 -10.92 -25.93
N THR A 331 -1.17 -11.24 -24.93
CA THR A 331 -0.82 -12.28 -23.99
C THR A 331 -2.07 -12.86 -23.32
N ILE A 333 -3.21 -13.59 -19.22
CA ILE A 333 -2.87 -13.46 -17.80
C ILE A 333 -4.10 -13.79 -16.94
N PRO A 334 -4.22 -15.06 -16.52
CA PRO A 334 -5.41 -15.53 -15.82
C PRO A 334 -5.45 -15.12 -14.35
N LEU A 335 -5.92 -13.89 -14.08
CA LEU A 335 -6.00 -13.39 -12.70
C LEU A 335 -7.38 -12.80 -12.42
N ALA A 336 -7.72 -12.74 -11.13
CA ALA A 336 -9.07 -12.40 -10.69
C ALA A 336 -9.40 -10.92 -10.76
N TRP A 337 -8.44 -10.06 -10.43
CA TRP A 337 -8.70 -8.63 -10.54
C TRP A 337 -9.08 -8.27 -11.99
N PRO A 338 -8.27 -8.68 -12.99
CA PRO A 338 -8.70 -8.46 -14.37
C PRO A 338 -10.06 -9.05 -14.71
N ALA A 339 -10.32 -10.31 -14.34
CA ALA A 339 -11.65 -10.88 -14.66
C ALA A 339 -12.77 -10.00 -14.10
N ASN A 340 -12.62 -9.58 -12.85
CA ASN A 340 -13.64 -8.76 -12.20
C ASN A 340 -13.71 -7.36 -12.82
N ARG A 341 -12.57 -6.80 -13.16
CA ARG A 341 -12.54 -5.47 -13.76
C ARG A 341 -13.19 -5.52 -15.13
N GLN A 342 -12.88 -6.57 -15.88
CA GLN A 342 -13.40 -6.73 -17.23
C GLN A 342 -14.90 -6.89 -17.23
N GLY A 343 -15.43 -7.73 -16.34
CA GLY A 343 -16.88 -7.96 -16.28
C GLY A 343 -17.59 -6.68 -15.89
N ARG A 344 -16.98 -5.93 -14.99
CA ARG A 344 -17.61 -4.72 -14.52
C ARG A 344 -17.59 -3.64 -15.61
N LEU A 346 -17.32 -4.26 -18.97
CA LEU A 346 -18.20 -4.74 -20.05
C LEU A 346 -19.64 -4.29 -19.86
N ALA A 347 -20.15 -4.40 -18.63
CA ALA A 347 -21.52 -3.98 -18.35
C ALA A 347 -21.76 -2.53 -18.78
N ASP A 348 -20.83 -1.65 -18.42
CA ASP A 348 -20.90 -0.24 -18.83
C ASP A 348 -20.86 -0.08 -20.36
N ILE A 349 -19.97 -0.83 -20.98
CA ILE A 349 -19.75 -0.82 -22.42
C ILE A 349 -20.98 -1.26 -23.19
N ILE A 350 -21.63 -2.32 -22.71
CA ILE A 350 -22.86 -2.81 -23.33
C ILE A 350 -23.93 -1.72 -23.35
N HIS A 351 -23.93 -0.89 -22.29
CA HIS A 351 -24.85 0.23 -22.18
C HIS A 351 -24.35 1.53 -22.76
N GLY A 352 -23.33 1.43 -23.62
CA GLY A 352 -22.81 2.58 -24.34
C GLY A 352 -21.94 3.54 -23.55
N HIS A 353 -21.53 3.16 -22.34
CA HIS A 353 -20.64 4.00 -21.54
C HIS A 353 -19.19 3.59 -21.82
N THR A 354 -18.64 4.12 -22.92
CA THR A 354 -17.35 3.68 -23.44
C THR A 354 -16.23 4.74 -23.28
N ASP A 355 -16.46 5.75 -22.44
CA ASP A 355 -15.44 6.75 -22.15
C ASP A 355 -14.17 6.11 -21.60
N SER A 356 -14.34 5.03 -20.85
CA SER A 356 -13.23 4.26 -20.32
C SER A 356 -13.23 2.86 -20.92
N LEU A 357 -12.12 2.47 -21.53
CA LEU A 357 -11.95 1.10 -22.03
C LEU A 357 -10.74 0.44 -21.37
N TYR A 358 -10.69 -0.89 -21.43
CA TYR A 358 -9.65 -1.66 -20.75
C TYR A 358 -8.27 -1.29 -21.24
N LYS A 359 -7.37 -1.01 -20.30
CA LYS A 359 -6.04 -0.52 -20.64
C LYS A 359 -5.03 -1.66 -20.76
N GLY A 360 -5.52 -2.90 -20.72
CA GLY A 360 -4.64 -4.06 -20.72
C GLY A 360 -4.40 -4.51 -19.29
N THR A 361 -3.74 -5.66 -19.13
CA THR A 361 -3.47 -6.23 -17.82
C THR A 361 -2.03 -5.98 -17.41
N LEU A 362 -1.84 -5.40 -16.22
CA LEU A 362 -0.50 -5.14 -15.69
C LEU A 362 0.18 -6.42 -15.18
N GLY A 363 -0.60 -7.34 -14.62
CA GLY A 363 -0.07 -8.59 -14.14
C GLY A 363 0.39 -8.52 -12.70
N THR A 364 -0.26 -7.66 -11.93
CA THR A 364 0.02 -7.55 -10.49
C THR A 364 -0.45 -8.81 -9.81
N SER A 365 0.45 -9.46 -9.10
CA SER A 365 0.10 -10.70 -8.44
C SER A 365 0.89 -10.87 -7.15
N VAL A 366 0.37 -11.72 -6.26
CA VAL A 366 0.93 -11.88 -4.93
C VAL A 366 0.63 -13.29 -4.41
N ALA A 367 1.56 -13.82 -3.63
CA ALA A 367 1.36 -15.09 -2.94
C ALA A 367 2.01 -15.09 -1.56
N LYS A 368 1.34 -15.76 -0.63
CA LYS A 368 1.89 -16.10 0.67
C LYS A 368 2.68 -17.41 0.52
N VAL A 369 3.93 -17.38 0.96
CA VAL A 369 4.79 -18.56 0.90
C VAL A 369 5.34 -18.77 2.31
N PHE A 370 4.61 -19.55 3.08
CA PHE A 370 4.81 -19.69 4.52
C PHE A 370 4.87 -18.29 5.19
N ASP A 371 6.06 -17.89 5.63
CA ASP A 371 6.24 -16.64 6.38
C ASP A 371 6.52 -15.46 5.45
N LEU A 372 6.61 -15.75 4.16
CA LEU A 372 7.02 -14.78 3.19
C LEU A 372 5.82 -14.32 2.38
N THR A 373 5.87 -13.07 1.93
CA THR A 373 4.99 -12.58 0.89
C THR A 373 5.84 -12.36 -0.35
N VAL A 374 5.32 -12.80 -1.50
CA VAL A 374 6.02 -12.65 -2.77
C VAL A 374 5.07 -11.97 -3.74
N ALA A 375 5.53 -10.86 -4.32
CA ALA A 375 4.71 -10.11 -5.27
C ALA A 375 5.45 -9.70 -6.53
N THR A 376 4.66 -9.49 -7.58
CA THR A 376 5.17 -9.13 -8.89
C THR A 376 4.13 -8.24 -9.58
N THR A 377 4.61 -7.39 -10.47
CA THR A 377 3.78 -6.58 -11.36
C THR A 377 4.62 -6.27 -12.60
N GLY A 378 3.96 -6.05 -13.75
CA GLY A 378 4.69 -5.80 -14.99
C GLY A 378 5.53 -6.99 -15.44
N LEU A 379 6.68 -6.70 -16.03
CA LEU A 379 7.51 -7.74 -16.67
C LEU A 379 8.79 -8.03 -15.92
N ASN A 380 9.25 -9.27 -16.02
CA ASN A 380 10.54 -9.68 -15.49
C ASN A 380 11.64 -9.59 -16.55
N GLU A 381 12.89 -9.82 -16.14
CA GLU A 381 14.01 -9.80 -17.09
C GLU A 381 13.84 -10.81 -18.22
N LYS A 382 13.37 -12.02 -17.89
CA LYS A 382 13.21 -13.08 -18.88
C LYS A 382 12.29 -12.67 -20.03
N ILE A 383 11.15 -12.07 -19.71
CA ILE A 383 10.23 -11.56 -20.75
C ILE A 383 10.88 -10.43 -21.55
N LEU A 384 11.56 -9.51 -20.87
CA LEU A 384 12.10 -8.33 -21.55
C LEU A 384 13.21 -8.70 -22.54
N LYS A 385 14.03 -9.68 -22.17
CA LYS A 385 15.08 -10.20 -23.05
C LYS A 385 14.47 -10.87 -24.27
N ARG A 386 13.41 -11.64 -24.04
CA ARG A 386 12.64 -12.28 -25.09
C ARG A 386 12.13 -11.24 -26.09
N LEU A 387 11.75 -10.07 -25.59
CA LEU A 387 11.22 -8.99 -26.42
C LEU A 387 12.28 -8.02 -26.94
N ASN A 388 13.55 -8.28 -26.63
CA ASN A 388 14.66 -7.41 -27.05
C ASN A 388 14.48 -5.96 -26.60
N ILE A 389 14.08 -5.79 -25.34
CA ILE A 389 13.88 -4.45 -24.80
C ILE A 389 15.04 -4.13 -23.86
N PRO A 390 15.75 -3.02 -24.12
CA PRO A 390 16.84 -2.67 -23.24
C PRO A 390 16.31 -2.22 -21.87
N TYR A 391 16.89 -2.73 -20.80
CA TYR A 391 16.51 -2.34 -19.44
C TYR A 391 17.69 -2.28 -18.48
N GLU A 392 17.45 -1.68 -17.31
CA GLU A 392 18.35 -1.79 -16.17
C GLU A 392 17.53 -2.29 -14.98
N VAL A 393 18.21 -2.90 -14.01
CA VAL A 393 17.54 -3.30 -12.79
C VAL A 393 18.27 -2.75 -11.58
N VAL A 394 17.54 -2.67 -10.48
CA VAL A 394 18.12 -2.38 -9.18
C VAL A 394 17.48 -3.30 -8.14
N HIS A 395 18.26 -3.68 -7.14
CA HIS A 395 17.73 -4.45 -6.01
C HIS A 395 18.02 -3.64 -4.75
N VAL A 396 16.96 -3.19 -4.10
CA VAL A 396 17.05 -2.41 -2.88
C VAL A 396 16.32 -3.12 -1.71
N GLN A 397 17.09 -3.46 -0.69
CA GLN A 397 16.52 -3.95 0.57
C GLN A 397 16.36 -2.78 1.57
N ALA A 398 15.19 -2.68 2.18
CA ALA A 398 14.87 -1.60 3.10
C ALA A 398 13.85 -2.12 4.12
N ASN A 399 13.83 -1.55 5.32
CA ASN A 399 12.97 -2.06 6.37
C ASN A 399 11.49 -1.77 6.14
N SER A 400 10.64 -2.73 6.47
CA SER A 400 9.20 -2.57 6.42
C SER A 400 8.75 -1.31 7.17
N HIS A 401 9.43 -1.00 8.28
CA HIS A 401 9.23 0.28 8.98
C HIS A 401 10.52 0.67 9.70
N ALA A 402 10.53 1.85 10.32
CA ALA A 402 11.73 2.37 10.97
C ALA A 402 12.35 1.33 11.91
N GLY A 403 13.66 1.14 11.80
CA GLY A 403 14.35 0.08 12.54
C GLY A 403 14.43 0.30 14.05
N TYR A 404 14.28 1.55 14.48
CA TYR A 404 14.24 1.86 15.91
C TYR A 404 12.91 1.45 16.58
N TYR A 405 11.90 1.10 15.77
CA TYR A 405 10.59 0.65 16.25
C TYR A 405 10.52 -0.87 16.12
N PRO A 406 9.98 -1.58 17.15
CA PRO A 406 10.04 -3.06 17.16
C PRO A 406 9.48 -3.77 15.92
N ASN A 407 10.03 -4.95 15.67
CA ASN A 407 9.58 -5.88 14.63
C ASN A 407 9.64 -5.38 13.19
N ALA A 408 10.63 -4.56 12.90
CA ALA A 408 10.90 -4.16 11.51
C ALA A 408 11.50 -5.37 10.81
N THR A 409 11.11 -5.56 9.55
CA THR A 409 11.58 -6.70 8.77
C THR A 409 12.00 -6.26 7.36
N PRO A 410 13.04 -6.89 6.79
CA PRO A 410 13.50 -6.44 5.46
C PRO A 410 12.47 -6.69 4.35
N VAL A 411 12.32 -5.68 3.50
CA VAL A 411 11.56 -5.78 2.25
C VAL A 411 12.56 -5.58 1.13
N LEU A 412 12.66 -6.56 0.24
CA LEU A 412 13.55 -6.49 -0.90
C LEU A 412 12.73 -6.10 -2.13
N ILE A 413 13.08 -4.99 -2.76
CA ILE A 413 12.39 -4.59 -3.98
C ILE A 413 13.34 -4.63 -5.16
N LYS A 414 12.94 -5.33 -6.22
CA LYS A 414 13.63 -5.26 -7.49
C LYS A 414 12.79 -4.39 -8.42
N LEU A 415 13.44 -3.40 -9.03
CA LEU A 415 12.79 -2.47 -9.93
C LEU A 415 13.48 -2.51 -11.28
N ILE A 416 12.68 -2.74 -12.33
CA ILE A 416 13.16 -2.88 -13.69
C ILE A 416 12.63 -1.73 -14.51
N PHE A 417 13.52 -1.07 -15.24
CA PHE A 417 13.19 0.21 -15.85
C PHE A 417 14.06 0.53 -17.08
N ASN A 418 13.59 1.51 -17.86
CA ASN A 418 14.36 2.04 -18.98
C ASN A 418 15.35 3.10 -18.54
N LYS A 419 16.61 2.89 -18.90
CA LYS A 419 17.73 3.78 -18.52
C LYS A 419 17.59 5.23 -19.00
N ASP A 420 16.96 5.42 -20.17
CA ASP A 420 16.85 6.75 -20.78
C ASP A 420 15.60 7.50 -20.36
N SER A 421 14.46 6.81 -20.34
CA SER A 421 13.17 7.44 -20.06
C SER A 421 12.71 7.32 -18.61
N GLY A 422 13.20 6.29 -17.92
CA GLY A 422 12.76 6.03 -16.56
C GLY A 422 11.48 5.22 -16.52
N LYS A 423 10.99 4.84 -17.70
CA LYS A 423 9.79 4.02 -17.82
C LYS A 423 9.95 2.78 -16.98
N ILE A 424 8.94 2.47 -16.18
CA ILE A 424 8.97 1.28 -15.33
C ILE A 424 8.39 0.08 -16.10
N TYR A 425 9.22 -0.94 -16.26
CA TYR A 425 8.83 -2.19 -16.94
C TYR A 425 8.20 -3.24 -16.01
N GLY A 426 8.57 -3.20 -14.75
CA GLY A 426 8.09 -4.17 -13.79
C GLY A 426 8.81 -4.02 -12.47
N ALA A 427 8.24 -4.64 -11.44
CA ALA A 427 8.88 -4.72 -10.13
C ALA A 427 8.55 -6.07 -9.50
N GLN A 428 9.45 -6.54 -8.65
CA GLN A 428 9.24 -7.72 -7.80
C GLN A 428 9.61 -7.40 -6.35
N THR A 429 8.83 -7.93 -5.41
CA THR A 429 9.08 -7.67 -3.99
C THR A 429 8.84 -8.91 -3.13
N LEU A 430 9.68 -9.07 -2.12
CA LEU A 430 9.51 -10.15 -1.15
C LEU A 430 10.00 -9.71 0.23
N GLY A 431 9.45 -10.35 1.25
CA GLY A 431 9.75 -10.02 2.64
C GLY A 431 8.65 -10.61 3.51
N ARG A 432 8.80 -10.46 4.83
CA ARG A 432 7.84 -11.06 5.75
C ARG A 432 6.62 -10.18 6.02
N ASP A 433 6.74 -8.87 5.75
CA ASP A 433 5.67 -7.90 6.06
C ASP A 433 5.88 -6.63 5.24
N GLY A 434 4.80 -5.94 4.90
CA GLY A 434 4.89 -4.67 4.18
C GLY A 434 5.15 -4.82 2.70
N VAL A 435 4.97 -6.04 2.18
CA VAL A 435 5.29 -6.34 0.79
C VAL A 435 4.14 -6.00 -0.14
N ASP A 436 2.93 -6.42 0.25
CA ASP A 436 1.75 -6.09 -0.52
C ASP A 436 1.64 -4.56 -0.64
N LYS A 437 1.96 -3.84 0.42
CA LYS A 437 1.82 -2.38 0.39
C LYS A 437 2.75 -1.79 -0.68
N ARG A 438 4.01 -2.22 -0.68
CA ARG A 438 5.03 -1.64 -1.57
C ARG A 438 4.73 -1.98 -3.03
N ASP A 440 1.69 -2.55 -4.26
CA ASP A 440 0.48 -1.81 -4.63
C ASP A 440 0.77 -0.35 -4.99
N VAL A 441 1.66 0.27 -4.22
CA VAL A 441 2.15 1.61 -4.55
C VAL A 441 2.85 1.63 -5.91
N ILE A 442 3.76 0.69 -6.14
CA ILE A 442 4.50 0.65 -7.41
C ILE A 442 3.56 0.33 -8.57
N ALA A 443 2.62 -0.59 -8.36
CA ALA A 443 1.64 -0.96 -9.37
C ALA A 443 0.77 0.24 -9.74
N THR A 444 0.38 1.00 -8.72
CA THR A 444 -0.36 2.24 -8.93
C THR A 444 0.45 3.23 -9.76
N ALA A 445 1.71 3.45 -9.37
CA ALA A 445 2.62 4.34 -10.11
C ALA A 445 2.71 3.97 -11.59
N ILE A 446 2.91 2.70 -11.87
CA ILE A 446 3.02 2.22 -13.25
C ILE A 446 1.75 2.54 -14.05
N LYS A 447 0.58 2.18 -13.53
CA LYS A 447 -0.69 2.44 -14.24
C LYS A 447 -0.94 3.93 -14.35
N ALA A 448 -0.43 4.70 -13.40
CA ALA A 448 -0.53 6.15 -13.47
C ALA A 448 0.50 6.75 -14.41
N ASN A 449 1.28 5.90 -15.08
CA ASN A 449 2.29 6.37 -16.05
C ASN A 449 3.43 7.17 -15.41
N LEU A 450 3.73 6.85 -14.16
CA LEU A 450 4.89 7.44 -13.49
C LEU A 450 6.18 6.72 -13.89
N THR A 451 7.29 7.44 -13.80
CA THR A 451 8.60 6.91 -14.12
C THR A 451 9.35 6.72 -12.81
N VAL A 452 10.54 6.10 -12.86
CA VAL A 452 11.32 5.89 -11.62
C VAL A 452 11.69 7.22 -10.95
N LEU A 453 11.79 8.28 -11.76
CA LEU A 453 12.11 9.62 -11.27
C LEU A 453 11.00 10.21 -10.39
N ASP A 454 9.78 9.69 -10.53
CA ASP A 454 8.62 10.11 -9.73
C ASP A 454 8.52 9.41 -8.38
N LEU A 455 9.05 8.18 -8.30
CA LEU A 455 8.90 7.35 -7.09
C LEU A 455 9.45 7.97 -5.82
N PRO A 456 10.63 8.63 -5.88
CA PRO A 456 11.09 9.37 -4.70
C PRO A 456 10.14 10.47 -4.23
N ASP A 457 9.26 10.95 -5.11
CA ASP A 457 8.35 12.05 -4.76
C ASP A 457 6.96 11.60 -4.29
N LEU A 458 6.76 10.29 -4.10
CA LEU A 458 5.49 9.80 -3.56
C LEU A 458 5.45 10.01 -2.06
N GLU A 459 4.58 10.92 -1.63
CA GLU A 459 4.42 11.24 -0.22
C GLU A 459 3.53 10.20 0.47
N LEU A 460 4.19 9.26 1.17
CA LEU A 460 3.50 8.11 1.74
C LEU A 460 3.31 8.28 3.25
N SER A 461 2.62 7.32 3.88
CA SER A 461 2.25 7.45 5.28
C SER A 461 3.43 7.08 6.18
N TYR A 462 3.93 8.05 6.93
CA TYR A 462 5.03 7.78 7.86
C TYR A 462 4.73 8.08 9.33
N ALA A 463 4.68 7.00 10.11
CA ALA A 463 4.91 7.06 11.54
C ALA A 463 5.70 5.78 11.85
N PRO A 464 6.35 5.71 13.03
CA PRO A 464 7.27 4.57 13.28
C PRO A 464 6.76 3.15 13.04
N PRO A 465 5.46 2.85 13.37
CA PRO A 465 4.99 1.49 13.11
C PRO A 465 4.82 1.13 11.64
N TYR A 466 4.79 2.11 10.74
CA TYR A 466 4.32 1.91 9.36
C TYR A 466 5.36 2.00 8.24
N SER A 467 6.38 2.84 8.41
CA SER A 467 7.34 3.12 7.34
C SER A 467 8.55 3.83 7.91
N SER A 468 9.37 4.44 7.02
CA SER A 468 10.45 5.34 7.43
C SER A 468 10.26 6.67 6.70
N ALA A 469 11.04 7.67 7.07
CA ALA A 469 10.89 9.02 6.47
C ALA A 469 10.99 9.01 4.94
N LYS A 470 11.76 8.06 4.41
CA LYS A 470 11.72 7.71 3.01
C LYS A 470 11.31 6.24 3.00
N ASP A 471 10.13 5.97 2.45
CA ASP A 471 9.60 4.61 2.34
C ASP A 471 10.52 3.76 1.44
N PRO A 472 10.53 2.44 1.63
CA PRO A 472 11.17 1.55 0.66
C PRO A 472 10.84 1.87 -0.80
N VAL A 473 9.60 2.26 -1.11
CA VAL A 473 9.25 2.68 -2.48
C VAL A 473 10.09 3.90 -2.93
N ASN A 474 10.17 4.92 -2.08
CA ASN A 474 11.03 6.08 -2.32
C ASN A 474 12.47 5.64 -2.55
N VAL A 476 13.87 2.68 -3.44
CA VAL A 476 14.09 2.00 -4.71
C VAL A 476 14.03 3.01 -5.87
N GLY A 477 13.10 3.98 -5.77
CA GLY A 477 13.03 5.09 -6.70
C GLY A 477 14.33 5.90 -6.76
N TYR A 478 14.91 6.18 -5.59
CA TYR A 478 16.19 6.92 -5.54
C TYR A 478 17.33 6.14 -6.21
N ALA A 479 17.42 4.84 -5.93
CA ALA A 479 18.47 4.01 -6.49
C ALA A 479 18.37 3.94 -8.01
N ALA A 480 17.15 3.76 -8.51
CA ALA A 480 16.91 3.72 -9.96
C ALA A 480 17.19 5.07 -10.61
N SER A 481 16.80 6.16 -9.93
CA SER A 481 17.02 7.52 -10.44
C SER A 481 18.49 7.85 -10.56
N ASN A 482 19.30 7.32 -9.65
CA ASN A 482 20.76 7.52 -9.68
C ASN A 482 21.40 6.89 -10.92
N ILE A 483 20.81 5.79 -11.37
CA ILE A 483 21.24 5.14 -12.61
C ILE A 483 20.78 5.96 -13.82
N VAL A 484 19.50 6.29 -13.86
CA VAL A 484 18.94 7.15 -14.91
C VAL A 484 19.71 8.48 -15.04
N ASP A 485 20.01 9.12 -13.92
CA ASP A 485 20.73 10.40 -13.91
C ASP A 485 22.24 10.28 -14.12
N GLY A 486 22.74 9.05 -14.09
CA GLY A 486 24.17 8.80 -14.31
C GLY A 486 25.06 9.11 -13.12
N PHE A 487 24.50 9.11 -11.91
CA PHE A 487 25.29 9.29 -10.70
C PHE A 487 26.01 8.02 -10.27
N VAL A 488 25.56 6.89 -10.79
CA VAL A 488 26.19 5.61 -10.50
C VAL A 488 26.03 4.64 -11.67
N ASP A 489 27.06 3.82 -11.87
CA ASP A 489 27.04 2.78 -12.87
C ASP A 489 27.15 1.49 -12.07
N THR A 490 26.50 0.42 -12.53
CA THR A 490 26.31 -0.78 -11.74
C THR A 490 26.55 -2.06 -12.54
N VAL A 491 26.82 -3.16 -11.83
CA VAL A 491 26.86 -4.49 -12.42
C VAL A 491 26.01 -5.45 -11.58
N GLN A 492 25.62 -6.57 -12.18
CA GLN A 492 24.73 -7.54 -11.55
C GLN A 492 25.50 -8.68 -10.88
N TRP A 493 24.82 -9.38 -9.98
CA TRP A 493 25.33 -10.60 -9.36
C TRP A 493 25.90 -11.61 -10.39
N HIS A 494 25.29 -11.65 -11.57
CA HIS A 494 25.64 -12.66 -12.58
C HIS A 494 26.78 -12.21 -13.49
N GLU A 495 27.26 -10.98 -13.29
CA GLU A 495 28.34 -10.38 -14.08
C GLU A 495 29.67 -10.29 -13.33
N ILE A 496 29.61 -10.17 -12.01
CA ILE A 496 30.79 -9.81 -11.23
C ILE A 496 31.94 -10.81 -11.34
N ASP A 497 31.65 -12.11 -11.32
CA ASP A 497 32.73 -13.11 -11.39
C ASP A 497 33.54 -13.07 -12.69
N ARG A 498 32.85 -13.00 -13.82
CA ARG A 498 33.48 -12.89 -15.13
C ARG A 498 34.33 -11.61 -15.20
N ILE A 499 33.79 -10.52 -14.68
CA ILE A 499 34.51 -9.24 -14.56
C ILE A 499 35.82 -9.37 -13.76
N VAL A 500 35.76 -10.05 -12.62
CA VAL A 500 36.95 -10.24 -11.78
C VAL A 500 37.98 -11.16 -12.47
N GLU A 501 37.51 -12.20 -13.14
CA GLU A 501 38.35 -13.07 -13.98
C GLU A 501 39.08 -12.27 -15.06
N ASN A 502 38.39 -11.28 -15.61
CA ASN A 502 38.92 -10.47 -16.70
C ASN A 502 39.79 -9.29 -16.24
N GLY A 503 40.06 -9.20 -14.94
CA GLY A 503 40.95 -8.16 -14.42
C GLY A 503 40.29 -7.03 -13.66
N GLY A 504 39.00 -7.16 -13.39
CA GLY A 504 38.28 -6.18 -12.59
C GLY A 504 38.82 -6.18 -11.18
N TYR A 505 38.94 -4.98 -10.60
CA TYR A 505 39.45 -4.83 -9.23
C TYR A 505 38.31 -4.59 -8.26
N LEU A 506 37.98 -5.63 -7.51
CA LEU A 506 36.84 -5.63 -6.60
C LEU A 506 37.21 -5.23 -5.19
N ILE A 507 36.60 -4.16 -4.72
CA ILE A 507 36.79 -3.66 -3.36
C ILE A 507 35.52 -3.91 -2.54
N ASP A 508 35.68 -4.68 -1.48
CA ASP A 508 34.60 -4.98 -0.53
C ASP A 508 34.64 -3.91 0.56
N VAL A 509 33.65 -3.01 0.58
CA VAL A 509 33.66 -1.90 1.55
C VAL A 509 32.98 -2.18 2.90
N ARG A 510 32.72 -3.45 3.19
CA ARG A 510 32.16 -3.84 4.47
C ARG A 510 33.23 -3.74 5.56
N GLU A 511 32.79 -3.80 6.82
CA GLU A 511 33.70 -3.91 7.96
C GLU A 511 34.27 -5.33 8.00
N PRO A 512 35.53 -5.50 8.46
CA PRO A 512 36.22 -6.80 8.34
C PRO A 512 35.45 -7.97 8.93
N ASN A 513 34.62 -7.70 9.93
CA ASN A 513 33.86 -8.73 10.63
C ASN A 513 32.75 -9.34 9.78
N GLU A 514 32.20 -8.54 8.85
CA GLU A 514 31.12 -8.98 7.97
C GLU A 514 31.60 -9.99 6.95
N LEU A 515 32.92 -10.07 6.75
CA LEU A 515 33.51 -10.97 5.76
C LEU A 515 33.39 -12.44 6.16
N LYS A 516 33.12 -12.67 7.45
CA LYS A 516 32.86 -14.01 7.98
C LYS A 516 31.59 -14.62 7.39
N GLN A 517 30.59 -13.79 7.06
CA GLN A 517 29.41 -14.23 6.30
C GLN A 517 29.80 -14.79 4.93
N GLY A 518 31.04 -14.51 4.50
CA GLY A 518 31.56 -14.90 3.19
C GLY A 518 31.85 -13.69 2.32
N ILE A 520 32.68 -12.36 -2.16
CA ILE A 520 32.84 -12.63 -3.58
C ILE A 520 34.33 -12.87 -3.84
N LYS A 521 34.64 -13.90 -4.61
CA LYS A 521 36.02 -14.23 -4.97
C LYS A 521 36.74 -13.04 -5.58
N GLY A 522 38.01 -12.85 -5.17
CA GLY A 522 38.86 -11.80 -5.71
C GLY A 522 38.72 -10.46 -5.01
N SER A 523 37.87 -10.40 -3.99
CA SER A 523 37.60 -9.17 -3.25
C SER A 523 38.80 -8.72 -2.43
N ILE A 524 38.95 -7.40 -2.30
CA ILE A 524 39.91 -6.80 -1.41
C ILE A 524 39.13 -5.85 -0.49
N ASN A 525 39.43 -5.91 0.80
CA ASN A 525 38.63 -5.23 1.81
C ASN A 525 39.18 -3.87 2.23
N ILE A 526 38.43 -2.81 1.90
CA ILE A 526 38.67 -1.47 2.45
C ILE A 526 37.33 -0.94 2.98
N PRO A 527 37.14 -0.98 4.31
CA PRO A 527 35.86 -0.54 4.88
C PRO A 527 35.51 0.88 4.44
N LEU A 528 34.25 1.09 4.08
CA LEU A 528 33.75 2.37 3.58
C LEU A 528 34.29 3.56 4.38
N ASP A 529 34.26 3.46 5.71
CA ASP A 529 34.58 4.60 6.55
C ASP A 529 36.05 4.96 6.58
N GLU A 530 36.89 4.06 6.07
CA GLU A 530 38.34 4.26 5.99
C GLU A 530 38.78 4.65 4.59
N LEU A 531 37.93 4.37 3.61
CA LEU A 531 38.27 4.48 2.19
C LEU A 531 38.82 5.84 1.82
N ARG A 532 38.18 6.89 2.31
CA ARG A 532 38.63 8.25 2.03
C ARG A 532 40.06 8.49 2.53
N ASP A 533 40.46 7.80 3.61
CA ASP A 533 41.83 7.94 4.14
C ASP A 533 42.83 6.98 3.49
N ARG A 534 42.33 6.05 2.67
CA ARG A 534 43.17 5.01 2.09
C ARG A 534 43.08 4.98 0.56
N LEU A 535 42.77 6.12 -0.04
CA LEU A 535 42.61 6.21 -1.51
C LEU A 535 43.88 5.79 -2.27
N GLU A 536 45.03 5.90 -1.62
CA GLU A 536 46.32 5.52 -2.21
C GLU A 536 46.38 4.01 -2.51
N GLU A 537 45.51 3.26 -1.86
CA GLU A 537 45.46 1.81 -2.04
C GLU A 537 44.58 1.42 -3.23
N VAL A 538 43.81 2.38 -3.73
CA VAL A 538 42.93 2.15 -4.88
C VAL A 538 43.73 2.40 -6.16
N PRO A 539 43.95 1.34 -6.97
CA PRO A 539 44.70 1.51 -8.23
C PRO A 539 43.99 2.47 -9.18
N VAL A 540 44.77 3.33 -9.82
CA VAL A 540 44.24 4.28 -10.78
C VAL A 540 44.37 3.74 -12.22
N ASP A 541 44.92 2.53 -12.34
CA ASP A 541 45.11 1.87 -13.64
C ASP A 541 44.22 0.64 -13.87
N LYS A 542 43.20 0.46 -13.03
CA LYS A 542 42.26 -0.66 -13.15
C LYS A 542 40.82 -0.17 -13.02
N ASP A 543 39.90 -0.85 -13.70
CA ASP A 543 38.48 -0.57 -13.52
C ASP A 543 38.02 -1.09 -12.17
N ILE A 544 37.48 -0.19 -11.36
CA ILE A 544 37.14 -0.45 -9.98
C ILE A 544 35.70 -0.94 -9.86
N TYR A 545 35.53 -1.98 -9.03
CA TYR A 545 34.22 -2.54 -8.73
C TYR A 545 34.03 -2.57 -7.23
N ILE A 546 32.84 -2.19 -6.79
CA ILE A 546 32.54 -2.07 -5.38
C ILE A 546 31.41 -3.02 -4.98
N THR A 547 31.64 -3.73 -3.89
CA THR A 547 30.55 -4.42 -3.22
C THR A 547 30.53 -4.10 -1.73
N CYS A 548 29.31 -4.02 -1.20
CA CYS A 548 29.07 -4.04 0.23
CA CYS A 548 29.13 -4.07 0.25
C CYS A 548 28.20 -5.24 0.59
N GLN A 549 27.36 -5.08 1.61
CA GLN A 549 26.43 -6.11 2.04
C GLN A 549 25.12 -5.94 1.27
N LEU A 550 24.51 -4.76 1.37
CA LEU A 550 23.23 -4.45 0.69
C LEU A 550 23.32 -3.58 -0.57
N GLY A 551 24.46 -2.98 -0.85
CA GLY A 551 24.53 -2.11 -2.02
C GLY A 551 24.57 -0.65 -1.66
N ARG A 553 26.08 1.03 1.02
CA ARG A 553 27.43 1.49 1.30
C ARG A 553 28.35 1.40 0.07
N GLY A 554 28.11 0.40 -0.78
CA GLY A 554 28.78 0.30 -2.06
C GLY A 554 28.52 1.52 -2.94
N TYR A 555 27.26 1.91 -3.04
CA TYR A 555 26.87 3.14 -3.74
C TYR A 555 27.57 4.40 -3.18
N VAL A 556 27.61 4.55 -1.87
CA VAL A 556 28.29 5.71 -1.24
C VAL A 556 29.78 5.73 -1.64
N ALA A 557 30.42 4.57 -1.58
CA ALA A 557 31.80 4.43 -2.02
C ALA A 557 31.96 4.75 -3.51
N ALA A 558 31.03 4.28 -4.34
CA ALA A 558 31.07 4.55 -5.79
C ALA A 558 31.03 6.06 -6.06
N ARG A 559 30.09 6.75 -5.40
CA ARG A 559 29.98 8.20 -5.51
C ARG A 559 31.29 8.92 -5.16
N LEU A 561 34.45 7.73 -5.08
CA LEU A 561 35.52 7.41 -6.01
C LEU A 561 35.33 8.04 -7.38
N GLU A 563 33.75 10.87 -7.94
CA GLU A 563 34.07 12.26 -7.69
C GLU A 563 35.59 12.51 -7.62
N LYS A 564 36.32 11.50 -7.12
CA LYS A 564 37.79 11.56 -7.11
C LYS A 564 38.39 11.23 -8.48
N GLY A 565 37.53 11.02 -9.47
CA GLY A 565 37.95 10.79 -10.86
C GLY A 565 38.33 9.35 -11.19
N TYR A 566 37.84 8.38 -10.41
CA TYR A 566 38.01 6.96 -10.71
C TYR A 566 36.86 6.48 -11.58
N LYS A 567 37.12 5.52 -12.48
CA LYS A 567 36.03 4.81 -13.13
C LYS A 567 35.60 3.65 -12.23
N VAL A 568 34.34 3.64 -11.83
CA VAL A 568 33.86 2.72 -10.80
C VAL A 568 32.42 2.25 -11.04
N LYS A 569 32.13 1.01 -10.63
CA LYS A 569 30.77 0.46 -10.66
C LYS A 569 30.42 -0.24 -9.35
N ASN A 570 29.19 -0.08 -8.91
CA ASN A 570 28.70 -0.73 -7.70
C ASN A 570 28.06 -2.07 -8.08
N VAL A 571 28.27 -3.11 -7.26
CA VAL A 571 27.57 -4.40 -7.43
C VAL A 571 26.18 -4.34 -6.81
N ASP A 572 25.18 -4.31 -7.68
CA ASP A 572 23.78 -4.17 -7.28
C ASP A 572 23.35 -5.29 -6.32
N GLY A 573 22.85 -4.89 -5.15
CA GLY A 573 22.40 -5.81 -4.12
C GLY A 573 23.52 -6.33 -3.23
N GLY A 574 24.77 -6.00 -3.57
CA GLY A 574 25.94 -6.35 -2.78
C GLY A 574 26.09 -7.84 -2.52
N PHE A 575 26.78 -8.17 -1.42
CA PHE A 575 27.04 -9.58 -1.10
C PHE A 575 25.78 -10.34 -0.68
N LYS A 576 24.87 -9.67 0.03
CA LYS A 576 23.67 -10.33 0.54
C LYS A 576 22.97 -11.03 -0.61
N LEU A 577 22.67 -10.28 -1.67
CA LEU A 577 22.05 -10.84 -2.86
C LEU A 577 22.93 -11.89 -3.54
N TYR A 578 24.21 -11.55 -3.77
CA TYR A 578 25.14 -12.47 -4.43
C TYR A 578 25.15 -13.86 -3.76
N GLY A 579 25.34 -13.87 -2.45
CA GLY A 579 25.45 -15.10 -1.67
C GLY A 579 24.16 -15.93 -1.64
N THR A 580 23.02 -15.26 -1.78
CA THR A 580 21.73 -15.94 -1.83
C THR A 580 21.56 -16.76 -3.12
N VAL A 581 21.95 -16.16 -4.25
CA VAL A 581 21.71 -16.73 -5.57
C VAL A 581 22.88 -17.59 -6.06
N LEU A 582 24.09 -17.31 -5.59
CA LEU A 582 25.26 -18.10 -5.97
C LEU A 582 26.01 -18.62 -4.74
N PRO A 583 25.32 -19.37 -3.86
CA PRO A 583 25.91 -19.72 -2.57
C PRO A 583 27.18 -20.57 -2.73
N GLU A 584 27.22 -21.40 -3.77
CA GLU A 584 28.35 -22.30 -4.00
C GLU A 584 29.64 -21.55 -4.38
N ARG A 585 29.48 -20.31 -4.84
CA ARG A 585 30.63 -19.49 -5.23
C ARG A 585 31.17 -18.63 -4.09
N ILE A 586 30.54 -18.68 -2.92
CA ILE A 586 30.96 -17.85 -1.79
C ILE A 586 32.34 -18.29 -1.30
N VAL A 587 33.21 -17.31 -1.07
CA VAL A 587 34.55 -17.56 -0.55
C VAL A 587 34.62 -17.15 0.92
N TYR A 588 35.23 -18.00 1.74
CA TYR A 588 35.19 -17.79 3.19
C TYR A 588 36.56 -17.47 3.77
N GLY B 35 34.71 22.79 -9.41
CA GLY B 35 34.52 23.97 -8.50
C GLY B 35 34.01 23.62 -7.10
N SER B 36 34.22 24.53 -6.16
CA SER B 36 34.06 24.29 -4.73
C SER B 36 33.18 25.32 -4.03
N ARG B 37 32.55 24.94 -2.91
CA ARG B 37 31.71 25.85 -2.10
C ARG B 37 31.70 25.47 -0.62
N LYS B 38 31.60 26.48 0.24
CA LYS B 38 31.44 26.28 1.67
C LYS B 38 29.95 26.39 1.99
N ILE B 39 29.35 25.25 2.32
CA ILE B 39 27.92 25.17 2.63
C ILE B 39 27.73 24.96 4.14
N VAL B 40 27.01 25.87 4.77
CA VAL B 40 26.73 25.75 6.20
C VAL B 40 25.27 25.41 6.44
N VAL B 41 25.04 24.34 7.19
CA VAL B 41 23.70 23.83 7.46
C VAL B 41 23.35 24.02 8.94
N VAL B 42 22.23 24.69 9.20
CA VAL B 42 21.76 24.94 10.56
C VAL B 42 20.64 23.96 10.92
N GLY B 43 20.90 23.13 11.93
CA GLY B 43 19.98 22.06 12.33
C GLY B 43 20.55 20.76 11.83
N GLY B 44 20.71 19.78 12.73
CA GLY B 44 21.33 18.50 12.36
C GLY B 44 20.41 17.29 12.41
N VAL B 45 19.11 17.49 12.19
CA VAL B 45 18.17 16.35 12.25
C VAL B 45 17.55 16.04 10.89
N ALA B 46 16.22 16.05 10.76
CA ALA B 46 15.57 15.52 9.54
C ALA B 46 16.00 16.25 8.26
N GLY B 47 15.74 17.55 8.18
CA GLY B 47 16.13 18.32 7.00
C GLY B 47 17.64 18.52 6.88
N GLY B 48 18.28 18.90 7.98
CA GLY B 48 19.71 19.21 7.96
C GLY B 48 20.60 18.04 7.61
N ALA B 49 20.39 16.89 8.26
CA ALA B 49 21.18 15.70 7.95
C ALA B 49 20.89 15.13 6.56
N SER B 50 19.64 15.25 6.10
CA SER B 50 19.26 14.80 4.74
C SER B 50 19.96 15.60 3.65
N VAL B 51 19.90 16.93 3.77
CA VAL B 51 20.58 17.77 2.78
C VAL B 51 22.12 17.56 2.82
N ALA B 52 22.68 17.46 4.04
CA ALA B 52 24.12 17.32 4.21
C ALA B 52 24.67 16.03 3.59
N ALA B 53 23.98 14.91 3.81
CA ALA B 53 24.48 13.61 3.31
C ALA B 53 24.42 13.53 1.79
N ARG B 54 23.31 13.99 1.18
CA ARG B 54 23.23 14.04 -0.29
C ARG B 54 24.23 15.05 -0.91
N LEU B 55 24.39 16.21 -0.30
CA LEU B 55 25.40 17.17 -0.78
C LEU B 55 26.77 16.51 -0.93
N ARG B 56 27.22 15.76 0.07
CA ARG B 56 28.52 15.09 -0.01
C ARG B 56 28.60 14.09 -1.16
N ARG B 57 27.53 13.34 -1.36
CA ARG B 57 27.47 12.33 -2.42
C ARG B 57 27.56 12.99 -3.80
N LEU B 58 27.25 14.28 -3.85
CA LEU B 58 27.25 15.03 -5.09
C LEU B 58 28.61 15.69 -5.30
N SER B 59 29.23 16.12 -4.21
CA SER B 59 30.53 16.78 -4.28
C SER B 59 31.48 16.40 -3.13
N GLU B 60 32.66 15.95 -3.50
CA GLU B 60 33.73 15.67 -2.53
C GLU B 60 34.52 16.94 -2.17
N GLU B 61 34.38 17.97 -3.02
CA GLU B 61 35.17 19.20 -2.95
C GLU B 61 34.63 20.21 -1.95
N ASP B 62 33.32 20.24 -1.78
CA ASP B 62 32.68 21.21 -0.88
C ASP B 62 33.06 21.02 0.57
N GLU B 63 33.20 22.13 1.28
CA GLU B 63 33.30 22.12 2.72
C GLU B 63 31.87 22.19 3.24
N ILE B 64 31.48 21.20 4.03
CA ILE B 64 30.12 21.14 4.56
C ILE B 64 30.15 21.15 6.08
N ILE B 65 29.50 22.15 6.65
CA ILE B 65 29.41 22.30 8.09
C ILE B 65 27.95 22.16 8.50
N VAL B 67 25.54 22.55 11.85
CA VAL B 67 25.57 23.16 13.17
C VAL B 67 24.30 22.83 13.96
N GLU B 68 24.48 22.17 15.10
CA GLU B 68 23.34 21.69 15.88
C GLU B 68 23.47 22.10 17.36
N ARG B 69 22.41 22.66 17.92
CA ARG B 69 22.45 23.24 19.26
C ARG B 69 22.37 22.19 20.36
N GLY B 70 21.69 21.07 20.08
CA GLY B 70 21.58 19.97 21.02
C GLY B 70 22.78 19.03 20.95
N GLU B 71 22.78 18.03 21.82
CA GLU B 71 23.87 17.06 21.90
C GLU B 71 23.85 16.02 20.76
N TYR B 72 22.69 15.83 20.15
CA TYR B 72 22.50 14.76 19.16
C TYR B 72 22.06 15.22 17.77
N ILE B 73 22.54 14.50 16.77
CA ILE B 73 22.06 14.66 15.39
C ILE B 73 21.26 13.41 15.02
N SER B 74 20.39 13.55 14.03
CA SER B 74 19.63 12.42 13.47
C SER B 74 18.91 11.56 14.51
N PHE B 75 18.46 12.16 15.61
CA PHE B 75 17.71 11.39 16.59
C PHE B 75 16.31 11.10 16.05
N ALA B 76 15.70 10.02 16.50
CA ALA B 76 14.37 9.65 16.06
C ALA B 76 13.29 10.42 16.83
N ASN B 77 13.04 11.66 16.41
CA ASN B 77 11.99 12.51 17.01
C ASN B 77 10.70 11.72 17.13
N CYS B 78 10.42 10.90 16.12
CA CYS B 78 9.16 10.16 15.97
C CYS B 78 8.99 9.04 16.98
N GLY B 79 10.11 8.47 17.44
CA GLY B 79 10.07 7.33 18.34
C GLY B 79 9.92 7.70 19.80
N LEU B 80 10.10 8.98 20.10
CA LEU B 80 10.11 9.45 21.49
C LEU B 80 8.89 8.99 22.31
N PRO B 81 7.65 9.13 21.77
CA PRO B 81 6.51 8.65 22.59
C PRO B 81 6.58 7.15 22.92
N TYR B 82 7.12 6.37 21.98
CA TYR B 82 7.23 4.90 22.12
C TYR B 82 8.33 4.48 23.07
N TYR B 83 9.38 5.30 23.18
CA TYR B 83 10.39 5.11 24.20
C TYR B 83 9.77 5.41 25.58
N ILE B 84 9.06 6.54 25.70
CA ILE B 84 8.34 6.85 26.93
C ILE B 84 7.38 5.72 27.32
N GLY B 85 6.69 5.13 26.34
CA GLY B 85 5.76 4.02 26.58
C GLY B 85 6.36 2.64 26.85
N GLY B 86 7.68 2.53 26.79
CA GLY B 86 8.36 1.25 27.04
C GLY B 86 8.24 0.28 25.89
N VAL B 87 7.91 0.79 24.70
CA VAL B 87 7.75 -0.02 23.49
C VAL B 87 9.10 -0.08 22.76
N ILE B 88 9.74 1.08 22.62
CA ILE B 88 11.15 1.12 22.28
C ILE B 88 11.90 1.03 23.60
N THR B 89 12.43 -0.16 23.90
CA THR B 89 13.04 -0.46 25.21
C THR B 89 14.45 0.09 25.32
N GLU B 90 15.08 0.31 24.16
CA GLU B 90 16.48 0.64 24.09
C GLU B 90 16.66 2.12 23.74
N ARG B 91 17.08 2.91 24.73
CA ARG B 91 17.32 4.35 24.50
C ARG B 91 18.23 4.57 23.29
N GLN B 92 19.26 3.73 23.16
CA GLN B 92 20.27 3.88 22.10
C GLN B 92 19.72 3.79 20.68
N LYS B 93 18.62 3.07 20.51
CA LYS B 93 17.90 3.00 19.23
C LYS B 93 17.38 4.35 18.75
N LEU B 94 17.19 5.29 19.67
CA LEU B 94 16.68 6.64 19.34
C LEU B 94 17.70 7.49 18.59
N LEU B 95 18.95 7.03 18.58
CA LEU B 95 20.02 7.75 17.90
C LEU B 95 20.35 7.04 16.59
N VAL B 96 19.82 7.57 15.47
CA VAL B 96 19.91 6.91 14.16
C VAL B 96 21.34 6.90 13.57
N GLN B 97 22.02 8.04 13.63
CA GLN B 97 23.46 8.10 13.33
C GLN B 97 24.15 8.86 14.46
N THR B 98 25.37 8.45 14.81
CA THR B 98 26.19 9.18 15.77
C THR B 98 26.95 10.31 15.08
N VAL B 99 27.41 11.28 15.87
CA VAL B 99 28.18 12.40 15.34
C VAL B 99 29.45 11.92 14.67
N GLU B 100 30.19 11.05 15.38
CA GLU B 100 31.49 10.56 14.93
C GLU B 100 31.43 9.72 13.65
N ARG B 101 30.42 8.87 13.54
CA ARG B 101 30.26 7.99 12.39
C ARG B 101 29.89 8.76 11.13
N SER B 103 30.19 12.12 10.58
CA SER B 103 31.24 13.05 10.20
C SER B 103 32.31 12.30 9.41
N LYS B 104 32.62 11.07 9.84
CA LYS B 104 33.59 10.22 9.16
C LYS B 104 33.08 9.76 7.79
N ARG B 105 31.88 9.16 7.76
CA ARG B 105 31.36 8.58 6.53
C ARG B 105 31.26 9.62 5.41
N PHE B 106 30.74 10.80 5.73
CA PHE B 106 30.49 11.85 4.72
C PHE B 106 31.40 13.06 4.84
N ASN B 107 32.52 12.90 5.54
CA ASN B 107 33.50 13.98 5.68
C ASN B 107 32.81 15.32 6.00
N LEU B 108 31.98 15.29 7.03
CA LEU B 108 31.19 16.42 7.45
C LEU B 108 31.78 17.06 8.70
N ASP B 109 31.79 18.39 8.72
CA ASP B 109 32.21 19.15 9.89
C ASP B 109 30.95 19.36 10.75
N ILE B 110 30.70 18.42 11.67
CA ILE B 110 29.47 18.43 12.46
C ILE B 110 29.74 19.00 13.86
N ARG B 111 29.01 20.05 14.21
CA ARG B 111 29.23 20.80 15.43
C ARG B 111 27.99 20.80 16.31
N VAL B 112 27.97 19.93 17.31
CA VAL B 112 26.85 19.84 18.24
C VAL B 112 27.08 20.83 19.39
N LEU B 113 26.06 20.98 20.25
CA LEU B 113 26.06 21.98 21.32
C LEU B 113 26.57 23.33 20.80
N SER B 114 26.06 23.71 19.63
CA SER B 114 26.42 24.95 18.98
C SER B 114 25.14 25.60 18.45
N GLU B 115 24.80 26.74 19.03
CA GLU B 115 23.61 27.47 18.63
C GLU B 115 23.99 28.64 17.76
N VAL B 116 23.40 28.65 16.56
CA VAL B 116 23.55 29.78 15.67
C VAL B 116 22.63 30.84 16.26
N VAL B 117 23.20 32.00 16.60
CA VAL B 117 22.42 33.04 17.27
C VAL B 117 22.04 34.21 16.36
N LYS B 118 22.69 34.26 15.20
CA LYS B 118 22.56 35.42 14.33
C LYS B 118 23.05 35.07 12.93
N ILE B 119 22.29 35.50 11.93
CA ILE B 119 22.77 35.47 10.55
C ILE B 119 23.21 36.88 10.17
N ASN B 120 24.39 36.98 9.60
CA ASN B 120 24.94 38.25 9.16
C ASN B 120 24.98 38.25 7.63
N LYS B 121 23.81 38.49 7.02
CA LYS B 121 23.67 38.25 5.59
C LYS B 121 24.48 39.18 4.67
N GLU B 122 24.83 40.37 5.17
CA GLU B 122 25.63 41.32 4.37
C GLU B 122 27.11 40.90 4.33
N GLU B 123 27.62 40.33 5.42
CA GLU B 123 28.98 39.83 5.46
C GLU B 123 29.05 38.34 5.10
N LYS B 124 27.90 37.73 4.86
CA LYS B 124 27.78 36.29 4.65
C LYS B 124 28.53 35.52 5.74
N THR B 125 28.19 35.83 7.00
CA THR B 125 28.69 35.08 8.13
C THR B 125 27.52 34.74 9.05
N ILE B 126 27.70 33.74 9.90
CA ILE B 126 26.82 33.50 11.01
C ILE B 126 27.62 33.57 12.30
N THR B 127 26.93 33.92 13.38
CA THR B 127 27.52 33.90 14.70
C THR B 127 27.04 32.65 15.43
N ILE B 128 27.98 31.86 15.93
CA ILE B 128 27.69 30.63 16.65
C ILE B 128 28.08 30.79 18.11
N LYS B 129 27.21 30.35 19.02
CA LYS B 129 27.50 30.33 20.44
C LYS B 129 27.66 28.90 20.94
N ASN B 130 28.81 28.62 21.54
CA ASN B 130 29.03 27.39 22.30
C ASN B 130 28.05 27.32 23.48
N VAL B 131 27.17 26.34 23.43
CA VAL B 131 26.11 26.16 24.43
C VAL B 131 26.67 25.92 25.85
N THR B 132 27.81 25.24 25.91
CA THR B 132 28.46 24.88 27.17
C THR B 132 29.15 26.09 27.82
N THR B 133 29.87 26.87 27.03
CA THR B 133 30.65 28.00 27.58
C THR B 133 29.96 29.37 27.44
N ASN B 134 29.08 29.51 26.46
CA ASN B 134 28.40 30.78 26.12
C ASN B 134 29.26 31.70 25.24
N GLU B 135 30.46 31.25 24.91
CA GLU B 135 31.34 32.00 24.01
C GLU B 135 30.92 31.83 22.54
N THR B 136 31.12 32.91 21.78
CA THR B 136 30.70 32.98 20.38
C THR B 136 31.88 33.08 19.41
N TYR B 137 31.63 32.72 18.15
CA TYR B 137 32.57 32.94 17.06
C TYR B 137 31.79 33.13 15.75
N ASN B 138 32.44 33.70 14.74
CA ASN B 138 31.80 33.89 13.44
C ASN B 138 32.24 32.87 12.42
N GLU B 139 31.31 32.44 11.57
CA GLU B 139 31.63 31.48 10.53
C GLU B 139 31.07 31.97 9.19
N ALA B 140 31.95 32.10 8.19
CA ALA B 140 31.56 32.54 6.85
C ALA B 140 30.90 31.41 6.07
N TYR B 141 30.07 31.76 5.10
CA TYR B 141 29.40 30.77 4.26
C TYR B 141 29.33 31.27 2.81
N ASP B 142 29.43 30.35 1.87
CA ASP B 142 29.03 30.65 0.49
C ASP B 142 27.52 30.44 0.40
N VAL B 143 27.06 29.31 0.91
CA VAL B 143 25.62 29.00 0.93
C VAL B 143 25.16 28.60 2.33
N LEU B 144 24.05 29.18 2.77
CA LEU B 144 23.48 28.84 4.07
C LEU B 144 22.14 28.12 3.93
N ILE B 145 21.96 27.06 4.72
CA ILE B 145 20.75 26.26 4.71
C ILE B 145 20.17 26.17 6.13
N LEU B 146 18.96 26.67 6.27
CA LEU B 146 18.26 26.68 7.54
C LEU B 146 17.25 25.53 7.59
N SER B 147 17.48 24.60 8.52
CA SER B 147 16.46 23.58 8.83
C SER B 147 16.26 23.48 10.35
N PRO B 148 15.82 24.58 11.00
CA PRO B 148 15.74 24.69 12.46
C PRO B 148 14.52 24.06 13.13
N GLY B 149 13.58 23.56 12.33
CA GLY B 149 12.43 22.83 12.87
C GLY B 149 11.37 23.73 13.44
N ALA B 150 10.63 23.20 14.41
CA ALA B 150 9.57 23.94 15.07
C ALA B 150 9.60 23.64 16.56
N LYS B 151 9.09 24.56 17.37
CA LYS B 151 9.07 24.39 18.81
C LYS B 151 7.66 24.28 19.34
N PRO B 152 7.48 23.69 20.54
CA PRO B 152 6.15 23.52 21.11
C PRO B 152 5.46 24.84 21.35
N ILE B 153 4.16 24.87 21.11
CA ILE B 153 3.33 26.01 21.50
C ILE B 153 3.11 25.91 23.00
N VAL B 154 3.48 26.96 23.73
CA VAL B 154 3.28 27.02 25.16
C VAL B 154 2.27 28.13 25.44
N PRO B 155 1.06 27.76 25.91
CA PRO B 155 0.04 28.77 26.16
C PRO B 155 0.27 29.49 27.49
N SER B 156 -0.39 30.63 27.65
CA SER B 156 -0.32 31.39 28.88
C SER B 156 -1.40 30.92 29.85
N ILE B 157 -1.09 29.87 30.61
CA ILE B 157 -2.00 29.35 31.63
C ILE B 157 -1.57 29.85 33.00
N PRO B 158 -2.47 30.57 33.70
CA PRO B 158 -2.14 30.93 35.07
C PRO B 158 -1.63 29.71 35.85
N GLY B 159 -0.45 29.82 36.42
CA GLY B 159 0.13 28.73 37.21
C GLY B 159 1.05 27.81 36.43
N ILE B 160 1.24 28.07 35.13
CA ILE B 160 2.12 27.25 34.31
C ILE B 160 3.59 27.35 34.76
N GLU B 161 3.92 28.45 35.43
CA GLU B 161 5.28 28.70 35.90
C GLU B 161 5.64 27.80 37.09
N GLU B 162 4.62 27.38 37.83
CA GLU B 162 4.82 26.58 39.05
C GLU B 162 4.51 25.10 38.82
N ALA B 163 4.17 24.75 37.59
CA ALA B 163 3.72 23.39 37.27
C ALA B 163 4.90 22.42 37.12
N LYS B 164 5.35 21.90 38.27
CA LYS B 164 6.50 20.99 38.38
C LYS B 164 6.52 19.85 37.35
N ALA B 165 5.35 19.28 37.09
CA ALA B 165 5.23 18.07 36.28
C ALA B 165 4.54 18.30 34.93
N LEU B 166 4.70 19.50 34.40
CA LEU B 166 4.23 19.86 33.07
C LEU B 166 5.41 19.72 32.11
N PHE B 167 5.22 18.94 31.04
CA PHE B 167 6.29 18.68 30.07
C PHE B 167 5.83 18.91 28.63
N THR B 168 6.74 19.43 27.79
CA THR B 168 6.54 19.42 26.34
C THR B 168 7.53 18.41 25.80
N LEU B 169 7.27 17.93 24.58
CA LEU B 169 8.07 16.89 23.99
C LEU B 169 8.59 17.28 22.61
N ARG B 170 9.90 17.47 22.52
CA ARG B 170 10.55 17.75 21.23
C ARG B 170 11.79 16.89 20.99
N ASN B 171 12.70 16.86 21.96
CA ASN B 171 14.02 16.25 21.81
C ASN B 171 14.31 15.15 22.86
N VAL B 172 15.54 14.64 22.83
CA VAL B 172 15.93 13.55 23.75
C VAL B 172 15.99 14.00 25.23
N PRO B 173 16.64 15.14 25.54
CA PRO B 173 16.53 15.67 26.93
C PRO B 173 15.09 15.75 27.49
N ASP B 174 14.15 16.31 26.71
CA ASP B 174 12.72 16.33 27.08
C ASP B 174 12.21 14.92 27.43
N THR B 175 12.52 13.98 26.56
CA THR B 175 12.16 12.57 26.73
C THR B 175 12.77 11.97 28.00
N ASP B 176 14.06 12.22 28.23
CA ASP B 176 14.73 11.74 29.45
C ASP B 176 14.07 12.32 30.70
N ARG B 177 13.70 13.60 30.63
CA ARG B 177 13.04 14.27 31.76
C ARG B 177 11.67 13.66 32.08
N ILE B 178 10.88 13.38 31.03
CA ILE B 178 9.58 12.75 31.23
C ILE B 178 9.73 11.36 31.82
N LYS B 179 10.57 10.52 31.20
CA LYS B 179 10.81 9.17 31.73
C LYS B 179 11.32 9.22 33.18
N ALA B 180 12.21 10.17 33.49
CA ALA B 180 12.73 10.32 34.85
C ALA B 180 11.65 10.70 35.85
N TYR B 181 10.74 11.61 35.47
CA TYR B 181 9.62 11.98 36.33
C TYR B 181 8.74 10.78 36.65
N ILE B 182 8.41 10.00 35.60
CA ILE B 182 7.61 8.80 35.75
C ILE B 182 8.27 7.80 36.71
N ASP B 183 9.58 7.59 36.56
CA ASP B 183 10.32 6.66 37.44
C ASP B 183 10.38 7.13 38.88
N GLU B 184 10.72 8.41 39.09
CA GLU B 184 10.92 8.97 40.41
C GLU B 184 9.65 9.25 41.21
N LYS B 185 8.61 9.73 40.54
CA LYS B 185 7.34 10.08 41.21
C LYS B 185 6.22 9.06 41.01
N LYS B 186 6.41 8.11 40.09
CA LYS B 186 5.39 7.08 39.78
C LYS B 186 3.97 7.66 39.67
N PRO B 187 3.73 8.51 38.66
CA PRO B 187 2.45 9.19 38.53
C PRO B 187 1.31 8.18 38.31
N ARG B 188 0.20 8.39 39.03
CA ARG B 188 -0.97 7.53 38.88
C ARG B 188 -1.82 8.00 37.70
N HIS B 189 -1.81 9.31 37.46
CA HIS B 189 -2.67 9.91 36.45
C HIS B 189 -1.92 10.99 35.68
N ALA B 190 -2.13 11.01 34.36
CA ALA B 190 -1.56 12.04 33.50
C ALA B 190 -2.63 12.78 32.70
N THR B 191 -2.41 14.07 32.49
CA THR B 191 -3.26 14.92 31.67
C THR B 191 -2.54 15.31 30.38
N VAL B 192 -3.16 14.98 29.26
CA VAL B 192 -2.63 15.38 27.97
C VAL B 192 -3.50 16.52 27.46
N ILE B 193 -2.87 17.67 27.24
CA ILE B 193 -3.51 18.86 26.68
C ILE B 193 -3.21 18.95 25.19
N GLY B 194 -4.25 18.77 24.38
CA GLY B 194 -4.12 18.72 22.93
C GLY B 194 -4.25 17.32 22.39
N GLY B 195 -5.22 17.11 21.51
CA GLY B 195 -5.52 15.80 20.96
C GLY B 195 -5.17 15.60 19.49
N GLY B 196 -4.09 16.23 19.04
CA GLY B 196 -3.53 15.96 17.72
C GLY B 196 -2.84 14.60 17.67
N PHE B 197 -2.22 14.29 16.52
CA PHE B 197 -1.69 12.93 16.29
C PHE B 197 -0.66 12.59 17.38
N ILE B 198 0.09 13.60 17.80
CA ILE B 198 1.12 13.43 18.80
C ILE B 198 0.57 13.33 20.23
N GLY B 199 -0.39 14.19 20.58
CA GLY B 199 -1.07 14.10 21.88
C GLY B 199 -1.64 12.69 22.09
N VAL B 200 -2.31 12.20 21.06
CA VAL B 200 -2.93 10.88 21.06
C VAL B 200 -1.92 9.75 21.22
N GLU B 201 -0.75 9.89 20.57
CA GLU B 201 0.34 8.92 20.74
C GLU B 201 0.80 8.86 22.18
N VAL B 203 -1.04 9.82 24.83
CA VAL B 203 -2.14 9.15 25.51
C VAL B 203 -1.93 7.64 25.55
N GLU B 204 -1.74 7.03 24.38
CA GLU B 204 -1.54 5.57 24.29
C GLU B 204 -0.35 5.13 25.12
N ASN B 205 0.78 5.78 24.90
CA ASN B 205 2.01 5.35 25.51
C ASN B 205 2.00 5.50 27.02
N LEU B 206 1.26 6.49 27.50
CA LEU B 206 1.12 6.66 28.95
C LEU B 206 0.15 5.63 29.49
N ARG B 207 -0.96 5.43 28.79
CA ARG B 207 -1.97 4.43 29.17
C ARG B 207 -1.37 3.04 29.29
N GLU B 208 -0.60 2.65 28.27
CA GLU B 208 -0.04 1.32 28.22
C GLU B 208 1.02 1.08 29.32
N ARG B 209 1.45 2.17 29.98
CA ARG B 209 2.33 2.10 31.14
C ARG B 209 1.56 1.86 32.44
N GLY B 210 0.24 1.79 32.35
CA GLY B 210 -0.63 1.69 33.53
C GLY B 210 -1.02 3.02 34.14
N ILE B 211 -0.65 4.12 33.49
CA ILE B 211 -1.05 5.45 33.96
C ILE B 211 -2.46 5.77 33.46
N GLU B 212 -3.33 6.23 34.35
CA GLU B 212 -4.64 6.76 33.97
C GLU B 212 -4.43 8.02 33.17
N VAL B 213 -5.23 8.22 32.12
CA VAL B 213 -5.07 9.39 31.25
C VAL B 213 -6.38 10.14 30.99
N THR B 214 -6.32 11.45 31.15
CA THR B 214 -7.36 12.37 30.70
C THR B 214 -6.81 13.23 29.57
N LEU B 215 -7.50 13.21 28.44
CA LEU B 215 -7.15 14.04 27.30
C LEU B 215 -8.07 15.26 27.27
N VAL B 216 -7.47 16.45 27.27
CA VAL B 216 -8.22 17.71 27.22
C VAL B 216 -8.05 18.39 25.87
N GLU B 217 -9.19 18.66 25.21
CA GLU B 217 -9.21 19.18 23.85
C GLU B 217 -10.15 20.37 23.74
N ALA B 219 -11.18 21.53 20.85
CA ALA B 219 -12.11 21.20 19.77
C ALA B 219 -13.13 20.15 20.22
N ASN B 220 -14.11 19.86 19.37
CA ASN B 220 -15.12 18.83 19.66
C ASN B 220 -14.72 17.42 19.20
N GLN B 221 -13.45 17.24 18.84
CA GLN B 221 -12.91 15.96 18.40
C GLN B 221 -11.42 15.90 18.67
N VAL B 222 -10.86 14.69 18.74
CA VAL B 222 -9.41 14.51 18.64
C VAL B 222 -9.03 14.62 17.16
N PRO B 224 -7.31 16.97 14.52
CA PRO B 224 -7.79 18.00 13.59
C PRO B 224 -7.74 17.61 12.11
N PRO B 225 -6.69 16.90 11.66
CA PRO B 225 -6.68 16.52 10.25
C PRO B 225 -7.83 15.62 9.79
N ILE B 226 -8.47 14.88 10.70
CA ILE B 226 -9.61 14.06 10.30
C ILE B 226 -10.94 14.75 10.63
N ASP B 227 -12.00 14.31 9.96
CA ASP B 227 -13.32 14.89 10.17
C ASP B 227 -14.06 14.26 11.35
N TYR B 228 -15.09 14.97 11.79
CA TYR B 228 -15.80 14.68 13.01
C TYR B 228 -16.35 13.25 13.10
N GLU B 229 -17.03 12.80 12.03
CA GLU B 229 -17.59 11.47 11.98
C GLU B 229 -16.52 10.36 11.95
N ALA B 231 -13.48 10.90 13.49
CA ALA B 231 -13.01 10.98 14.89
C ALA B 231 -13.89 10.17 15.82
N ALA B 232 -15.20 10.11 15.51
CA ALA B 232 -16.15 9.37 16.34
C ALA B 232 -15.71 7.94 16.58
N TYR B 233 -15.16 7.28 15.56
CA TYR B 233 -14.61 5.93 15.69
C TYR B 233 -13.39 5.88 16.61
N VAL B 234 -12.52 6.88 16.46
CA VAL B 234 -11.33 7.00 17.32
C VAL B 234 -11.74 7.19 18.79
N HIS B 235 -12.68 8.09 19.05
CA HIS B 235 -13.16 8.36 20.41
C HIS B 235 -13.68 7.08 21.08
N GLU B 236 -14.50 6.33 20.34
CA GLU B 236 -15.04 5.09 20.86
C GLU B 236 -13.89 4.16 21.27
N HIS B 237 -12.89 4.05 20.41
CA HIS B 237 -11.78 3.14 20.66
C HIS B 237 -10.96 3.57 21.89
N LYS B 239 -12.05 5.47 24.41
CA LYS B 239 -12.90 5.22 25.59
C LYS B 239 -12.87 3.74 26.00
N ASN B 240 -12.91 2.84 25.01
CA ASN B 240 -12.79 1.40 25.28
C ASN B 240 -11.46 1.00 25.91
N HIS B 241 -10.47 1.87 25.76
CA HIS B 241 -9.16 1.68 26.38
C HIS B 241 -9.00 2.54 27.64
N ASP B 242 -10.13 3.01 28.16
CA ASP B 242 -10.18 3.74 29.42
C ASP B 242 -9.53 5.13 29.44
N VAL B 243 -9.48 5.79 28.30
CA VAL B 243 -9.06 7.19 28.30
C VAL B 243 -10.29 8.03 28.62
N GLU B 244 -10.12 9.01 29.52
CA GLU B 244 -11.14 10.01 29.73
C GLU B 244 -10.96 11.11 28.68
N LEU B 245 -12.01 11.35 27.90
CA LEU B 245 -11.99 12.37 26.84
C LEU B 245 -12.81 13.58 27.25
N VAL B 246 -12.17 14.75 27.20
CA VAL B 246 -12.77 16.02 27.56
C VAL B 246 -12.72 16.96 26.36
N PHE B 247 -13.89 17.25 25.79
CA PHE B 247 -13.99 18.09 24.58
C PHE B 247 -14.53 19.50 24.85
N GLU B 248 -14.22 20.42 23.94
CA GLU B 248 -14.67 21.79 24.01
C GLU B 248 -14.42 22.36 25.41
N ASP B 249 -13.20 22.15 25.87
CA ASP B 249 -12.77 22.59 27.18
C ASP B 249 -11.31 23.01 27.09
N GLY B 250 -10.85 23.75 28.07
CA GLY B 250 -9.44 24.15 28.15
C GLY B 250 -9.07 24.36 29.60
N VAL B 251 -7.78 24.58 29.84
CA VAL B 251 -7.26 24.81 31.18
C VAL B 251 -7.27 26.32 31.49
N ASP B 252 -8.09 26.71 32.47
CA ASP B 252 -8.15 28.10 32.95
C ASP B 252 -7.03 28.40 33.95
N ALA B 253 -6.59 27.37 34.68
CA ALA B 253 -5.60 27.52 35.73
C ALA B 253 -4.96 26.20 36.12
N LEU B 254 -3.68 26.27 36.50
CA LEU B 254 -3.03 25.15 37.15
C LEU B 254 -2.78 25.52 38.60
N GLU B 255 -3.20 24.63 39.50
CA GLU B 255 -3.14 24.88 40.94
C GLU B 255 -2.42 23.75 41.66
N GLU B 256 -2.06 24.02 42.91
CA GLU B 256 -1.26 23.10 43.74
C GLU B 256 -0.06 22.56 42.95
N ASN B 257 0.63 23.47 42.27
CA ASN B 257 1.84 23.18 41.49
C ASN B 257 1.63 22.22 40.31
N GLY B 258 0.50 22.37 39.63
CA GLY B 258 0.17 21.57 38.46
C GLY B 258 -0.72 20.37 38.75
N ALA B 259 -0.85 20.03 40.02
CA ALA B 259 -1.60 18.85 40.45
C ALA B 259 -3.11 19.03 40.39
N VAL B 260 -3.56 20.28 40.28
CA VAL B 260 -4.98 20.60 40.20
C VAL B 260 -5.25 21.39 38.93
N VAL B 261 -6.03 20.79 38.04
CA VAL B 261 -6.28 21.37 36.74
C VAL B 261 -7.66 21.98 36.75
N ARG B 262 -7.72 23.31 36.67
CA ARG B 262 -8.99 24.03 36.60
C ARG B 262 -9.41 24.19 35.15
N LEU B 263 -10.50 23.52 34.76
CA LEU B 263 -11.04 23.61 33.40
C LEU B 263 -12.09 24.71 33.26
N LYS B 264 -12.22 25.22 32.03
CA LYS B 264 -13.18 26.27 31.69
C LYS B 264 -14.64 25.87 31.93
N SER B 265 -14.92 24.57 31.84
CA SER B 265 -16.26 24.05 32.07
C SER B 265 -16.62 24.06 33.56
N GLY B 266 -15.62 24.24 34.41
CA GLY B 266 -15.83 24.17 35.86
C GLY B 266 -15.28 22.89 36.45
N SER B 267 -15.10 21.87 35.60
CA SER B 267 -14.57 20.60 36.04
C SER B 267 -13.12 20.75 36.53
N VAL B 268 -12.74 19.88 37.45
CA VAL B 268 -11.42 19.91 38.07
C VAL B 268 -10.74 18.54 37.91
N ILE B 269 -9.53 18.53 37.36
CA ILE B 269 -8.78 17.27 37.24
C ILE B 269 -7.66 17.26 38.26
N GLN B 270 -7.60 16.21 39.07
CA GLN B 270 -6.43 15.89 39.88
C GLN B 270 -5.51 14.98 39.09
N THR B 271 -4.27 15.41 38.92
CA THR B 271 -3.33 14.77 38.02
C THR B 271 -1.93 14.81 38.62
N ASP B 272 -1.03 13.95 38.12
CA ASP B 272 0.32 13.83 38.66
C ASP B 272 1.36 14.30 37.65
N LEU B 274 1.46 16.53 33.49
CA LEU B 274 0.78 17.05 32.31
C LEU B 274 1.70 17.00 31.10
N ILE B 275 1.15 16.61 29.96
CA ILE B 275 1.85 16.70 28.70
C ILE B 275 1.15 17.75 27.86
N LEU B 276 1.92 18.71 27.39
CA LEU B 276 1.39 19.77 26.56
C LEU B 276 1.69 19.42 25.11
N ALA B 277 0.63 19.25 24.33
CA ALA B 277 0.80 18.95 22.91
C ALA B 277 -0.26 19.67 22.08
N ILE B 278 -0.19 21.00 22.11
CA ILE B 278 -1.19 21.83 21.42
C ILE B 278 -0.67 22.41 20.09
N GLY B 279 0.36 21.76 19.53
CA GLY B 279 0.91 22.14 18.24
C GLY B 279 2.33 22.67 18.29
N VAL B 280 2.88 22.99 17.13
CA VAL B 280 4.24 23.56 17.03
C VAL B 280 4.20 24.86 16.22
N GLN B 281 5.18 25.71 16.46
CA GLN B 281 5.34 26.96 15.72
C GLN B 281 6.74 26.99 15.12
N PRO B 282 6.88 27.55 13.89
CA PRO B 282 8.16 27.44 13.19
C PRO B 282 9.30 28.17 13.90
N GLU B 283 10.48 27.55 13.92
CA GLU B 283 11.67 28.17 14.51
C GLU B 283 12.31 29.15 13.53
N SER B 284 11.66 30.28 13.30
CA SER B 284 12.07 31.20 12.23
C SER B 284 12.80 32.46 12.73
N SER B 285 13.23 32.46 13.98
CA SER B 285 13.82 33.67 14.57
C SER B 285 15.10 34.12 13.86
N LEU B 286 15.90 33.17 13.36
CA LEU B 286 17.12 33.48 12.61
C LEU B 286 16.82 34.25 11.34
N ALA B 287 15.81 33.78 10.61
CA ALA B 287 15.35 34.37 9.37
C ALA B 287 14.73 35.73 9.61
N LYS B 288 13.85 35.79 10.61
CA LYS B 288 13.20 37.02 11.03
C LYS B 288 14.26 38.06 11.41
N GLY B 289 15.24 37.64 12.20
CA GLY B 289 16.30 38.51 12.68
C GLY B 289 17.23 39.00 11.59
N ALA B 290 17.31 38.24 10.49
CA ALA B 290 18.13 38.61 9.32
C ALA B 290 17.30 39.33 8.24
N GLY B 291 16.05 39.63 8.56
CA GLY B 291 15.18 40.39 7.64
C GLY B 291 14.72 39.58 6.43
N LEU B 292 14.61 38.28 6.59
CA LEU B 292 14.11 37.42 5.51
C LEU B 292 12.58 37.42 5.52
N ALA B 293 11.98 37.31 4.34
CA ALA B 293 10.52 37.27 4.20
C ALA B 293 9.92 36.13 5.02
N LEU B 294 8.83 36.43 5.71
CA LEU B 294 8.10 35.44 6.48
C LEU B 294 6.74 35.11 5.86
N GLY B 295 6.20 33.93 6.20
CA GLY B 295 4.96 33.47 5.60
C GLY B 295 3.89 33.21 6.65
N VAL B 296 2.94 32.36 6.30
CA VAL B 296 1.86 32.03 7.24
C VAL B 296 2.41 31.43 8.54
N ARG B 297 1.76 31.79 9.65
CA ARG B 297 2.14 31.35 11.01
C ARG B 297 3.59 31.65 11.38
N GLY B 298 4.18 32.64 10.71
CA GLY B 298 5.54 33.06 11.01
C GLY B 298 6.60 32.17 10.40
N THR B 299 6.20 31.36 9.41
CA THR B 299 7.13 30.47 8.71
C THR B 299 8.14 31.27 7.89
N ILE B 300 9.25 30.63 7.54
CA ILE B 300 10.21 31.20 6.60
C ILE B 300 9.65 31.02 5.20
N LYS B 301 9.48 32.12 4.49
CA LYS B 301 8.91 32.05 3.15
C LYS B 301 10.02 31.66 2.18
N VAL B 302 9.71 30.74 1.27
CA VAL B 302 10.70 30.26 0.30
C VAL B 302 10.07 30.08 -1.09
N ASN B 303 10.90 30.15 -2.12
CA ASN B 303 10.42 29.87 -3.48
C ASN B 303 10.43 28.36 -3.75
N GLU B 304 10.18 27.99 -5.00
CA GLU B 304 9.97 26.61 -5.42
C GLU B 304 11.26 25.77 -5.32
N LYS B 305 12.39 26.46 -5.19
CA LYS B 305 13.70 25.84 -4.99
C LYS B 305 14.23 26.00 -3.55
N PHE B 306 13.34 26.33 -2.61
CA PHE B 306 13.69 26.47 -1.18
C PHE B 306 14.53 27.71 -0.86
N GLN B 307 14.53 28.66 -1.78
CA GLN B 307 15.32 29.89 -1.61
C GLN B 307 14.50 30.89 -0.83
N THR B 308 15.12 31.51 0.18
CA THR B 308 14.50 32.59 0.93
C THR B 308 14.59 33.87 0.10
N SER B 309 14.15 35.00 0.66
CA SER B 309 14.33 36.31 0.03
C SER B 309 15.81 36.70 -0.17
N ASP B 310 16.72 35.98 0.48
CA ASP B 310 18.15 36.15 0.22
C ASP B 310 18.66 35.03 -0.71
N PRO B 311 19.31 35.41 -1.83
CA PRO B 311 19.69 34.41 -2.83
C PRO B 311 20.76 33.40 -2.39
N HIS B 312 21.39 33.62 -1.24
CA HIS B 312 22.37 32.67 -0.72
C HIS B 312 21.97 31.97 0.58
N ILE B 313 20.72 32.17 1.00
CA ILE B 313 20.16 31.43 2.13
C ILE B 313 18.93 30.62 1.70
N TYR B 314 18.96 29.32 2.00
CA TYR B 314 17.87 28.40 1.70
C TYR B 314 17.27 27.89 3.00
N ALA B 315 16.02 27.43 2.94
CA ALA B 315 15.33 26.93 4.12
C ALA B 315 14.41 25.77 3.78
N ILE B 316 14.36 24.78 4.67
CA ILE B 316 13.57 23.55 4.48
C ILE B 316 13.01 23.11 5.85
N GLY B 317 12.18 22.04 5.85
CA GLY B 317 11.65 21.43 7.07
C GLY B 317 10.40 22.08 7.66
N ASP B 318 10.11 21.79 8.94
CA ASP B 318 8.95 22.39 9.64
C ASP B 318 8.93 23.92 9.62
N ALA B 319 10.10 24.54 9.46
CA ALA B 319 10.21 25.99 9.58
C ALA B 319 9.64 26.76 8.39
N ILE B 320 9.42 26.07 7.27
CA ILE B 320 9.04 26.78 6.04
C ILE B 320 7.56 26.72 5.70
N GLU B 321 7.13 27.72 4.93
CA GLU B 321 5.83 27.76 4.34
C GLU B 321 5.89 26.87 3.11
N VAL B 322 4.86 26.05 2.94
CA VAL B 322 4.70 25.23 1.76
C VAL B 322 3.33 25.49 1.17
N LYS B 323 3.16 25.12 -0.09
CA LYS B 323 1.83 25.11 -0.67
C LYS B 323 1.24 23.72 -0.49
N ASP B 324 -0.03 23.63 -0.11
CA ASP B 324 -0.65 22.30 -0.10
C ASP B 324 -0.74 21.83 -1.56
N PHE B 325 -0.48 20.54 -1.79
CA PHE B 325 -0.49 19.98 -3.14
C PHE B 325 -1.84 20.15 -3.86
N VAL B 326 -2.92 20.00 -3.12
CA VAL B 326 -4.26 19.88 -3.69
C VAL B 326 -4.79 21.22 -4.21
N THR B 327 -4.73 22.27 -3.41
CA THR B 327 -5.30 23.57 -3.80
C THR B 327 -4.24 24.65 -3.98
N GLU B 328 -2.99 24.33 -3.64
CA GLU B 328 -1.86 25.26 -3.73
C GLU B 328 -1.99 26.46 -2.81
N THR B 329 -2.62 26.26 -1.65
CA THR B 329 -2.76 27.29 -0.62
C THR B 329 -1.55 27.26 0.30
N GLU B 330 -1.05 28.45 0.63
CA GLU B 330 0.05 28.65 1.58
C GLU B 330 -0.31 28.12 2.95
N THR B 331 0.55 27.24 3.48
CA THR B 331 0.26 26.55 4.73
C THR B 331 1.55 26.14 5.43
N ILE B 333 2.97 22.47 7.19
CA ILE B 333 2.70 21.07 7.49
C ILE B 333 3.99 20.42 7.98
N PRO B 334 4.17 20.37 9.31
CA PRO B 334 5.37 19.86 9.97
C PRO B 334 5.47 18.33 10.05
N LEU B 335 5.93 17.72 8.97
CA LEU B 335 6.05 16.27 8.91
C LEU B 335 7.41 15.86 8.35
N ALA B 336 7.83 14.64 8.71
CA ALA B 336 9.17 14.10 8.39
C ALA B 336 9.39 13.72 6.94
N TRP B 337 8.41 13.09 6.30
CA TRP B 337 8.56 12.77 4.88
C TRP B 337 8.89 14.05 4.10
N PRO B 338 8.05 15.10 4.24
CA PRO B 338 8.40 16.37 3.59
C PRO B 338 9.82 16.90 3.93
N ALA B 339 10.20 16.95 5.21
CA ALA B 339 11.52 17.48 5.59
C ALA B 339 12.66 16.70 4.97
N ASN B 340 12.56 15.37 4.99
CA ASN B 340 13.54 14.50 4.34
C ASN B 340 13.58 14.68 2.83
N ARG B 341 12.40 14.79 2.21
CA ARG B 341 12.32 14.98 0.76
C ARG B 341 12.90 16.32 0.33
N GLN B 342 12.52 17.37 1.05
CA GLN B 342 13.01 18.70 0.77
C GLN B 342 14.54 18.76 0.85
N GLY B 343 15.10 18.10 1.86
CA GLY B 343 16.57 18.03 2.02
C GLY B 343 17.28 17.36 0.85
N ARG B 344 16.78 16.21 0.39
CA ARG B 344 17.39 15.53 -0.75
C ARG B 344 17.23 16.37 -2.00
N LEU B 346 16.81 19.67 -2.22
CA LEU B 346 17.63 20.87 -2.13
C LEU B 346 19.10 20.59 -2.49
N ALA B 347 19.60 19.44 -2.05
CA ALA B 347 20.98 19.06 -2.35
C ALA B 347 21.15 18.96 -3.86
N ASP B 348 20.14 18.40 -4.53
CA ASP B 348 20.11 18.30 -5.99
C ASP B 348 20.02 19.67 -6.66
N ILE B 349 19.27 20.58 -6.06
CA ILE B 349 19.18 21.96 -6.58
C ILE B 349 20.56 22.65 -6.60
N ILE B 350 21.30 22.46 -5.51
CA ILE B 350 22.64 23.04 -5.37
C ILE B 350 23.69 22.32 -6.22
N HIS B 351 23.74 20.98 -6.16
CA HIS B 351 24.81 20.22 -6.82
C HIS B 351 24.39 18.98 -7.64
N GLY B 352 23.10 18.88 -7.94
CA GLY B 352 22.58 17.80 -8.76
C GLY B 352 22.34 18.24 -10.18
N HIS B 353 21.40 17.58 -10.85
CA HIS B 353 21.18 17.81 -12.27
C HIS B 353 20.07 18.83 -12.53
N THR B 354 19.11 18.45 -13.38
CA THR B 354 17.98 19.32 -13.69
C THR B 354 17.02 19.42 -12.49
N ASP B 355 16.94 20.63 -11.94
CA ASP B 355 16.13 20.92 -10.77
C ASP B 355 14.73 20.34 -10.92
N SER B 356 14.36 19.51 -9.96
CA SER B 356 12.97 19.20 -9.75
C SER B 356 12.49 20.25 -8.76
N LEU B 357 11.25 20.70 -8.98
CA LEU B 357 10.69 21.74 -8.14
C LEU B 357 9.72 21.08 -7.17
N TYR B 358 9.63 21.62 -5.97
CA TYR B 358 8.74 21.10 -4.97
C TYR B 358 7.32 21.46 -5.33
N LYS B 359 6.48 20.45 -5.54
CA LYS B 359 5.09 20.74 -5.91
C LYS B 359 4.16 20.86 -4.71
N GLY B 360 4.75 21.04 -3.53
CA GLY B 360 3.97 21.26 -2.31
C GLY B 360 3.85 20.02 -1.45
N THR B 361 3.25 20.18 -0.28
CA THR B 361 3.03 19.07 0.65
C THR B 361 1.59 18.58 0.53
N LEU B 362 1.43 17.27 0.38
CA LEU B 362 0.10 16.67 0.28
C LEU B 362 -0.52 16.62 1.66
N GLY B 363 0.30 16.30 2.67
CA GLY B 363 -0.16 16.20 4.04
C GLY B 363 -0.55 14.78 4.41
N THR B 364 0.13 13.79 3.82
CA THR B 364 -0.10 12.40 4.17
C THR B 364 0.44 12.13 5.56
N SER B 365 -0.42 11.69 6.47
CA SER B 365 0.02 11.33 7.81
C SER B 365 -0.74 10.12 8.33
N VAL B 366 -0.24 9.57 9.43
CA VAL B 366 -0.78 8.34 10.00
C VAL B 366 -0.38 8.28 11.47
N ALA B 367 -1.26 7.73 12.30
CA ALA B 367 -0.92 7.46 13.69
C ALA B 367 -1.48 6.13 14.14
N LYS B 368 -0.75 5.45 15.02
CA LYS B 368 -1.27 4.28 15.71
C LYS B 368 -2.09 4.81 16.89
N VAL B 369 -3.32 4.31 17.04
CA VAL B 369 -4.18 4.70 18.17
C VAL B 369 -4.68 3.42 18.82
N PHE B 370 -3.92 2.95 19.80
CA PHE B 370 -4.13 1.61 20.39
C PHE B 370 -4.19 0.54 19.28
N ASP B 371 -5.32 -0.15 19.11
CA ASP B 371 -5.45 -1.19 18.07
C ASP B 371 -5.79 -0.64 16.68
N LEU B 372 -6.06 0.65 16.61
CA LEU B 372 -6.41 1.33 15.35
C LEU B 372 -5.22 1.98 14.68
N THR B 373 -5.28 2.01 13.34
CA THR B 373 -4.48 2.88 12.53
C THR B 373 -5.41 3.97 11.97
N VAL B 374 -4.95 5.21 12.00
CA VAL B 374 -5.71 6.35 11.49
C VAL B 374 -4.82 7.12 10.51
N ALA B 375 -5.30 7.29 9.28
CA ALA B 375 -4.52 8.01 8.28
C ALA B 375 -5.34 9.03 7.51
N THR B 376 -4.64 10.07 7.05
CA THR B 376 -5.23 11.16 6.33
C THR B 376 -4.26 11.61 5.23
N THR B 377 -4.80 12.26 4.20
CA THR B 377 -4.03 12.85 3.11
C THR B 377 -4.89 13.91 2.44
N GLY B 378 -4.26 14.96 1.94
CA GLY B 378 -5.00 16.05 1.29
C GLY B 378 -5.80 16.84 2.32
N LEU B 379 -6.95 17.34 1.88
CA LEU B 379 -7.78 18.22 2.71
C LEU B 379 -9.02 17.52 3.24
N ASN B 380 -9.51 17.97 4.39
CA ASN B 380 -10.75 17.47 4.97
C ASN B 380 -11.90 18.44 4.71
N GLU B 381 -13.11 18.05 5.09
CA GLU B 381 -14.31 18.89 4.88
C GLU B 381 -14.20 20.26 5.51
N LYS B 382 -13.67 20.31 6.73
CA LYS B 382 -13.56 21.56 7.48
C LYS B 382 -12.77 22.63 6.72
N ILE B 383 -11.62 22.23 6.16
CA ILE B 383 -10.79 23.12 5.35
C ILE B 383 -11.48 23.47 4.02
N LEU B 384 -12.02 22.47 3.33
CA LEU B 384 -12.71 22.72 2.09
C LEU B 384 -13.86 23.73 2.28
N LYS B 385 -14.65 23.54 3.35
CA LYS B 385 -15.72 24.47 3.71
C LYS B 385 -15.18 25.88 3.99
N ARG B 386 -14.07 25.97 4.71
CA ARG B 386 -13.46 27.27 5.00
C ARG B 386 -13.05 27.97 3.70
N LEU B 387 -12.57 27.22 2.72
CA LEU B 387 -12.19 27.77 1.42
C LEU B 387 -13.36 27.95 0.43
N ASN B 388 -14.56 27.52 0.82
CA ASN B 388 -15.78 27.61 -0.01
C ASN B 388 -15.67 26.82 -1.33
N ILE B 389 -14.96 25.69 -1.27
CA ILE B 389 -14.78 24.81 -2.41
C ILE B 389 -15.90 23.77 -2.39
N PRO B 390 -16.64 23.61 -3.50
CA PRO B 390 -17.69 22.57 -3.54
C PRO B 390 -17.08 21.16 -3.65
N TYR B 391 -17.58 20.23 -2.85
CA TYR B 391 -17.06 18.86 -2.87
C TYR B 391 -18.19 17.88 -2.58
N GLU B 392 -17.94 16.59 -2.82
CA GLU B 392 -18.82 15.52 -2.34
C GLU B 392 -17.92 14.59 -1.55
N VAL B 393 -18.52 13.71 -0.75
CA VAL B 393 -17.77 12.72 0.01
C VAL B 393 -18.47 11.36 -0.10
N VAL B 394 -17.72 10.30 0.11
CA VAL B 394 -18.27 8.96 0.18
C VAL B 394 -17.56 8.26 1.35
N HIS B 395 -18.29 7.42 2.11
CA HIS B 395 -17.68 6.60 3.16
C HIS B 395 -17.89 5.12 2.78
N VAL B 396 -16.79 4.43 2.47
CA VAL B 396 -16.85 3.02 2.09
C VAL B 396 -16.04 2.16 3.05
N GLN B 397 -16.75 1.31 3.80
CA GLN B 397 -16.14 0.30 4.65
C GLN B 397 -16.02 -1.01 3.87
N ALA B 398 -14.80 -1.51 3.77
CA ALA B 398 -14.50 -2.73 3.06
C ALA B 398 -13.46 -3.52 3.85
N ASN B 399 -13.40 -4.83 3.68
CA ASN B 399 -12.47 -5.62 4.48
C ASN B 399 -11.01 -5.53 4.01
N SER B 400 -10.11 -5.66 4.96
CA SER B 400 -8.67 -5.57 4.73
C SER B 400 -8.23 -6.62 3.73
N HIS B 401 -8.93 -7.75 3.74
CA HIS B 401 -8.79 -8.77 2.73
C HIS B 401 -10.09 -9.55 2.61
N ALA B 402 -10.14 -10.44 1.63
CA ALA B 402 -11.37 -11.18 1.36
C ALA B 402 -11.93 -11.82 2.64
N GLY B 403 -13.24 -11.70 2.84
CA GLY B 403 -13.87 -12.15 4.07
C GLY B 403 -13.89 -13.66 4.23
N TYR B 404 -13.76 -14.39 3.13
CA TYR B 404 -13.73 -15.85 3.20
C TYR B 404 -12.42 -16.40 3.80
N TYR B 405 -11.41 -15.52 3.92
CA TYR B 405 -10.12 -15.87 4.53
C TYR B 405 -10.07 -15.32 5.96
N PRO B 406 -9.48 -16.07 6.92
CA PRO B 406 -9.48 -15.71 8.35
C PRO B 406 -8.94 -14.32 8.69
N ASN B 407 -9.48 -13.71 9.74
CA ASN B 407 -8.96 -12.46 10.31
C ASN B 407 -9.08 -11.23 9.41
N ALA B 408 -10.10 -11.22 8.54
CA ALA B 408 -10.43 -10.01 7.80
C ALA B 408 -11.02 -8.99 8.78
N THR B 409 -10.60 -7.73 8.64
CA THR B 409 -11.05 -6.65 9.52
C THR B 409 -11.43 -5.42 8.68
N PRO B 410 -12.42 -4.64 9.12
CA PRO B 410 -12.88 -3.50 8.33
C PRO B 410 -11.84 -2.38 8.14
N VAL B 411 -11.83 -1.84 6.93
CA VAL B 411 -11.07 -0.65 6.57
C VAL B 411 -12.13 0.37 6.11
N LEU B 412 -12.23 1.49 6.81
CA LEU B 412 -13.16 2.53 6.45
C LEU B 412 -12.42 3.63 5.72
N ILE B 413 -12.83 3.91 4.50
CA ILE B 413 -12.20 4.94 3.69
C ILE B 413 -13.23 6.02 3.38
N LYS B 414 -12.85 7.26 3.69
CA LYS B 414 -13.58 8.45 3.29
C LYS B 414 -12.82 9.12 2.15
N LEU B 415 -13.50 9.32 1.04
CA LEU B 415 -12.92 10.00 -0.12
C LEU B 415 -13.69 11.28 -0.39
N ILE B 416 -12.97 12.39 -0.53
CA ILE B 416 -13.56 13.69 -0.76
C ILE B 416 -13.11 14.16 -2.14
N PHE B 417 -14.04 14.66 -2.93
CA PHE B 417 -13.79 14.86 -4.36
C PHE B 417 -14.71 15.90 -4.98
N ASN B 418 -14.35 16.32 -6.20
CA ASN B 418 -15.15 17.23 -6.99
C ASN B 418 -16.09 16.40 -7.87
N LYS B 419 -17.38 16.72 -7.80
CA LYS B 419 -18.43 16.03 -8.51
C LYS B 419 -18.34 16.14 -10.03
N ASP B 420 -17.78 17.25 -10.51
CA ASP B 420 -17.70 17.53 -11.95
C ASP B 420 -16.48 16.88 -12.57
N SER B 421 -15.31 17.23 -12.04
CA SER B 421 -14.03 16.77 -12.57
C SER B 421 -13.56 15.43 -11.99
N GLY B 422 -14.03 15.11 -10.79
CA GLY B 422 -13.57 13.92 -10.10
C GLY B 422 -12.21 14.11 -9.45
N LYS B 423 -11.71 15.35 -9.44
CA LYS B 423 -10.49 15.70 -8.70
C LYS B 423 -10.61 15.20 -7.25
N ILE B 424 -9.56 14.57 -6.74
CA ILE B 424 -9.54 14.14 -5.34
C ILE B 424 -9.02 15.27 -4.47
N TYR B 425 -9.81 15.68 -3.48
CA TYR B 425 -9.39 16.70 -2.53
C TYR B 425 -8.67 16.13 -1.31
N GLY B 426 -9.00 14.90 -0.95
CA GLY B 426 -8.46 14.33 0.27
C GLY B 426 -9.07 13.00 0.56
N ALA B 427 -8.49 12.29 1.52
CA ALA B 427 -9.03 11.03 1.96
C ALA B 427 -8.61 10.77 3.39
N GLN B 428 -9.44 10.00 4.11
CA GLN B 428 -9.15 9.60 5.49
C GLN B 428 -9.49 8.13 5.59
N THR B 429 -8.76 7.40 6.40
CA THR B 429 -9.04 5.98 6.56
C THR B 429 -8.65 5.53 7.96
N LEU B 430 -9.40 4.56 8.48
CA LEU B 430 -9.13 3.99 9.78
C LEU B 430 -9.55 2.52 9.82
N GLY B 431 -9.00 1.81 10.78
CA GLY B 431 -9.29 0.39 11.00
C GLY B 431 -8.09 -0.27 11.63
N ARG B 432 -8.17 -1.58 11.80
CA ARG B 432 -7.16 -2.30 12.59
C ARG B 432 -5.93 -2.77 11.79
N ASP B 433 -6.09 -2.92 10.48
CA ASP B 433 -5.06 -3.49 9.60
C ASP B 433 -5.32 -3.14 8.12
N GLY B 434 -4.26 -2.98 7.34
CA GLY B 434 -4.39 -2.70 5.90
C GLY B 434 -4.77 -1.25 5.60
N VAL B 435 -4.63 -0.39 6.61
CA VAL B 435 -5.03 1.02 6.52
C VAL B 435 -3.92 1.87 5.91
N ASP B 436 -2.68 1.62 6.32
CA ASP B 436 -1.54 2.33 5.76
C ASP B 436 -1.40 2.04 4.26
N LYS B 437 -1.67 0.79 3.88
CA LYS B 437 -1.63 0.39 2.46
C LYS B 437 -2.63 1.19 1.61
N ARG B 438 -3.86 1.30 2.10
CA ARG B 438 -4.92 1.97 1.33
C ARG B 438 -4.66 3.48 1.20
N ASP B 440 -1.62 4.88 1.29
CA ASP B 440 -0.47 5.02 0.39
C ASP B 440 -0.86 4.90 -1.09
N VAL B 441 -1.76 3.98 -1.41
CA VAL B 441 -2.27 3.88 -2.79
C VAL B 441 -3.02 5.15 -3.20
N ILE B 442 -3.90 5.63 -2.33
CA ILE B 442 -4.67 6.84 -2.62
C ILE B 442 -3.76 8.07 -2.73
N ALA B 443 -2.83 8.23 -1.79
CA ALA B 443 -1.88 9.36 -1.82
C ALA B 443 -1.00 9.33 -3.07
N THR B 444 -0.59 8.12 -3.51
CA THR B 444 0.12 7.94 -4.78
C THR B 444 -0.75 8.42 -5.95
N ALA B 445 -2.00 7.97 -5.95
CA ALA B 445 -2.98 8.35 -6.96
C ALA B 445 -3.18 9.88 -7.03
N ILE B 446 -3.33 10.52 -5.87
CA ILE B 446 -3.51 11.98 -5.86
C ILE B 446 -2.30 12.71 -6.47
N LYS B 447 -1.09 12.36 -6.02
CA LYS B 447 0.12 13.00 -6.52
C LYS B 447 0.36 12.71 -7.99
N ALA B 448 -0.18 11.61 -8.47
CA ALA B 448 -0.06 11.26 -9.87
C ALA B 448 -1.20 11.87 -10.70
N ASN B 449 -1.97 12.76 -10.07
CA ASN B 449 -3.07 13.46 -10.73
C ASN B 449 -4.20 12.57 -11.28
N LEU B 450 -4.39 11.39 -10.67
CA LEU B 450 -5.52 10.55 -10.99
C LEU B 450 -6.77 11.15 -10.37
N THR B 451 -7.93 10.79 -10.91
CA THR B 451 -9.22 11.23 -10.40
C THR B 451 -9.90 10.02 -9.75
N VAL B 452 -11.04 10.25 -9.11
CA VAL B 452 -11.79 9.13 -8.56
C VAL B 452 -12.17 8.14 -9.66
N LEU B 453 -12.25 8.62 -10.90
CA LEU B 453 -12.64 7.77 -12.04
C LEU B 453 -11.57 6.73 -12.39
N ASP B 454 -10.34 7.01 -12.00
CA ASP B 454 -9.20 6.13 -12.26
C ASP B 454 -9.01 5.06 -11.17
N LEU B 455 -9.40 5.38 -9.94
CA LEU B 455 -9.22 4.45 -8.80
C LEU B 455 -9.77 3.01 -9.01
N PRO B 456 -10.96 2.86 -9.63
CA PRO B 456 -11.42 1.48 -9.93
C PRO B 456 -10.51 0.70 -10.88
N ASP B 457 -9.62 1.40 -11.57
CA ASP B 457 -8.75 0.78 -12.58
C ASP B 457 -7.33 0.51 -12.10
N LEU B 458 -7.11 0.69 -10.80
CA LEU B 458 -5.82 0.37 -10.19
C LEU B 458 -5.77 -1.13 -9.93
N GLU B 459 -4.89 -1.80 -10.65
CA GLU B 459 -4.72 -3.25 -10.51
C GLU B 459 -3.72 -3.53 -9.40
N LEU B 460 -4.25 -3.91 -8.25
CA LEU B 460 -3.43 -4.11 -7.05
C LEU B 460 -3.22 -5.61 -6.77
N SER B 461 -2.50 -5.93 -5.69
CA SER B 461 -2.11 -7.31 -5.42
C SER B 461 -3.24 -8.05 -4.73
N TYR B 462 -3.80 -9.06 -5.42
CA TYR B 462 -4.86 -9.87 -4.84
C TYR B 462 -4.53 -11.35 -4.71
N ALA B 463 -4.42 -11.79 -3.46
CA ALA B 463 -4.66 -13.20 -3.06
C ALA B 463 -5.41 -13.15 -1.71
N PRO B 464 -6.04 -14.28 -1.28
CA PRO B 464 -6.88 -14.19 -0.07
C PRO B 464 -6.33 -13.47 1.18
N PRO B 465 -5.03 -13.66 1.54
CA PRO B 465 -4.50 -12.97 2.72
C PRO B 465 -4.37 -11.45 2.63
N TYR B 466 -4.42 -10.90 1.41
CA TYR B 466 -3.97 -9.52 1.15
C TYR B 466 -5.04 -8.52 0.69
N SER B 467 -6.01 -8.98 -0.08
CA SER B 467 -7.00 -8.08 -0.62
C SER B 467 -8.23 -8.84 -1.10
N SER B 468 -9.05 -8.17 -1.92
CA SER B 468 -10.22 -8.75 -2.59
C SER B 468 -10.09 -8.52 -4.10
N ALA B 469 -10.95 -9.19 -4.87
CA ALA B 469 -10.99 -9.03 -6.32
C ALA B 469 -11.13 -7.56 -6.70
N LYS B 470 -11.89 -6.83 -5.90
CA LYS B 470 -11.88 -5.38 -5.97
C LYS B 470 -11.39 -4.85 -4.61
N ASP B 471 -10.21 -4.25 -4.60
CA ASP B 471 -9.62 -3.75 -3.37
C ASP B 471 -10.52 -2.68 -2.75
N PRO B 472 -10.46 -2.51 -1.41
CA PRO B 472 -11.09 -1.34 -0.82
C PRO B 472 -10.85 -0.05 -1.60
N VAL B 473 -9.66 0.12 -2.18
CA VAL B 473 -9.39 1.34 -2.96
C VAL B 473 -10.23 1.40 -4.25
N ASN B 474 -10.31 0.28 -4.98
CA ASN B 474 -11.19 0.18 -6.13
C ASN B 474 -12.63 0.47 -5.70
N VAL B 476 -13.94 2.23 -3.17
CA VAL B 476 -14.19 3.64 -2.88
C VAL B 476 -14.19 4.47 -4.18
N GLY B 477 -13.35 4.07 -5.13
CA GLY B 477 -13.38 4.64 -6.46
C GLY B 477 -14.71 4.44 -7.17
N TYR B 478 -15.22 3.21 -7.17
CA TYR B 478 -16.51 2.92 -7.80
C TYR B 478 -17.63 3.77 -7.18
N ALA B 479 -17.68 3.81 -5.86
CA ALA B 479 -18.73 4.57 -5.16
C ALA B 479 -18.69 6.05 -5.54
N ALA B 480 -17.48 6.60 -5.60
CA ALA B 480 -17.30 7.99 -5.93
C ALA B 480 -17.63 8.23 -7.40
N SER B 481 -17.26 7.28 -8.25
CA SER B 481 -17.50 7.39 -9.69
C SER B 481 -19.00 7.35 -10.00
N ASN B 482 -19.75 6.57 -9.23
CA ASN B 482 -21.19 6.54 -9.41
C ASN B 482 -21.86 7.89 -9.13
N ILE B 483 -21.31 8.64 -8.19
CA ILE B 483 -21.76 10.01 -7.92
C ILE B 483 -21.39 10.98 -9.06
N VAL B 484 -20.11 10.99 -9.44
CA VAL B 484 -19.61 11.82 -10.55
C VAL B 484 -20.44 11.58 -11.82
N ASP B 485 -20.75 10.32 -12.13
CA ASP B 485 -21.47 9.98 -13.34
C ASP B 485 -23.01 9.95 -13.25
N GLY B 486 -23.55 10.29 -12.09
CA GLY B 486 -25.00 10.45 -11.93
C GLY B 486 -25.78 9.16 -11.79
N PHE B 487 -25.10 8.06 -11.48
CA PHE B 487 -25.82 6.81 -11.26
C PHE B 487 -26.50 6.76 -9.89
N VAL B 488 -25.99 7.52 -8.93
CA VAL B 488 -26.61 7.63 -7.62
C VAL B 488 -26.43 9.04 -7.05
N ASP B 489 -27.41 9.46 -6.27
CA ASP B 489 -27.37 10.71 -5.53
C ASP B 489 -27.42 10.33 -4.05
N THR B 490 -26.80 11.11 -3.20
CA THR B 490 -26.58 10.69 -1.82
C THR B 490 -26.81 11.82 -0.83
N VAL B 491 -27.04 11.46 0.44
CA VAL B 491 -27.03 12.41 1.55
C VAL B 491 -26.09 11.89 2.64
N GLN B 492 -25.74 12.79 3.57
CA GLN B 492 -24.82 12.49 4.66
C GLN B 492 -25.51 12.15 5.98
N TRP B 493 -24.75 11.53 6.89
CA TRP B 493 -25.16 11.31 8.27
C TRP B 493 -25.74 12.56 8.96
N HIS B 494 -25.16 13.72 8.65
CA HIS B 494 -25.57 14.97 9.30
C HIS B 494 -26.78 15.64 8.67
N GLU B 495 -27.27 15.05 7.57
CA GLU B 495 -28.44 15.56 6.85
C GLU B 495 -29.73 14.76 7.08
N ILE B 496 -29.60 13.46 7.29
CA ILE B 496 -30.76 12.59 7.22
C ILE B 496 -31.86 12.91 8.23
N ASP B 497 -31.52 13.28 9.46
CA ASP B 497 -32.56 13.56 10.46
C ASP B 497 -33.45 14.73 10.05
N ARG B 498 -32.81 15.82 9.60
CA ARG B 498 -33.50 17.00 9.12
C ARG B 498 -34.38 16.65 7.92
N ILE B 499 -33.84 15.86 7.00
CA ILE B 499 -34.59 15.40 5.83
C ILE B 499 -35.88 14.66 6.23
N VAL B 500 -35.75 13.71 7.15
CA VAL B 500 -36.89 12.93 7.66
C VAL B 500 -37.92 13.84 8.35
N GLU B 501 -37.45 14.80 9.14
CA GLU B 501 -38.32 15.78 9.78
C GLU B 501 -39.10 16.60 8.75
N ASN B 502 -38.55 16.75 7.54
CA ASN B 502 -39.15 17.61 6.52
C ASN B 502 -39.70 16.89 5.28
N GLY B 503 -40.34 15.74 5.49
CA GLY B 503 -41.08 15.05 4.43
C GLY B 503 -40.40 13.91 3.67
N GLY B 504 -39.14 13.64 3.98
CA GLY B 504 -38.42 12.53 3.36
C GLY B 504 -38.91 11.16 3.83
N TYR B 505 -39.01 10.22 2.90
CA TYR B 505 -39.44 8.88 3.24
C TYR B 505 -38.23 7.95 3.29
N LEU B 506 -37.88 7.48 4.50
CA LEU B 506 -36.68 6.67 4.70
C LEU B 506 -36.96 5.18 4.79
N ILE B 507 -36.39 4.44 3.85
CA ILE B 507 -36.46 2.99 3.86
C ILE B 507 -35.11 2.38 4.27
N ASP B 508 -35.16 1.54 5.30
CA ASP B 508 -34.03 0.73 5.75
C ASP B 508 -34.09 -0.61 5.00
N VAL B 509 -33.11 -0.88 4.15
CA VAL B 509 -33.13 -2.13 3.34
C VAL B 509 -32.31 -3.28 3.95
N ARG B 510 -31.92 -3.13 5.21
CA ARG B 510 -31.23 -4.22 5.90
C ARG B 510 -32.15 -5.43 6.12
N GLU B 511 -31.54 -6.60 6.31
CA GLU B 511 -32.27 -7.78 6.77
C GLU B 511 -32.69 -7.52 8.21
N PRO B 512 -33.90 -8.00 8.61
CA PRO B 512 -34.39 -7.72 9.96
C PRO B 512 -33.38 -8.09 11.05
N ASN B 513 -32.61 -9.15 10.83
CA ASN B 513 -31.56 -9.55 11.76
C ASN B 513 -30.54 -8.43 12.08
N GLU B 514 -30.20 -7.62 11.09
CA GLU B 514 -29.18 -6.58 11.22
C GLU B 514 -29.66 -5.38 12.04
N LEU B 515 -30.91 -5.41 12.47
CA LEU B 515 -31.49 -4.27 13.17
C LEU B 515 -31.11 -4.25 14.66
N LYS B 516 -30.20 -5.14 15.04
CA LYS B 516 -29.79 -5.37 16.42
C LYS B 516 -29.26 -4.14 17.13
N GLN B 517 -28.47 -3.33 16.42
CA GLN B 517 -27.91 -2.11 17.02
C GLN B 517 -28.81 -0.87 16.85
N GLY B 518 -29.99 -1.08 16.28
CA GLY B 518 -30.97 0.00 16.12
C GLY B 518 -31.09 0.54 14.70
N ILE B 520 -32.09 4.49 12.20
CA ILE B 520 -32.31 5.92 12.09
C ILE B 520 -33.80 6.19 12.34
N LYS B 521 -34.10 7.24 13.10
CA LYS B 521 -35.47 7.62 13.43
C LYS B 521 -36.31 7.78 12.16
N GLY B 522 -37.50 7.21 12.16
CA GLY B 522 -38.43 7.31 11.03
C GLY B 522 -38.25 6.25 9.94
N SER B 523 -37.31 5.32 10.13
CA SER B 523 -37.01 4.27 9.16
C SER B 523 -38.16 3.29 9.02
N ILE B 524 -38.38 2.82 7.79
CA ILE B 524 -39.30 1.74 7.49
C ILE B 524 -38.52 0.60 6.84
N ASN B 525 -38.57 -0.58 7.46
CA ASN B 525 -37.80 -1.74 6.98
C ASN B 525 -38.46 -2.43 5.79
N ILE B 526 -37.79 -2.39 4.64
CA ILE B 526 -38.09 -3.28 3.51
C ILE B 526 -36.75 -3.85 3.05
N PRO B 527 -36.42 -5.10 3.48
CA PRO B 527 -35.14 -5.69 3.12
C PRO B 527 -34.88 -5.65 1.62
N LEU B 528 -33.64 -5.38 1.22
CA LEU B 528 -33.32 -5.28 -0.19
C LEU B 528 -33.92 -6.44 -1.00
N ASP B 529 -33.71 -7.65 -0.55
CA ASP B 529 -34.10 -8.83 -1.32
C ASP B 529 -35.61 -9.01 -1.45
N GLU B 530 -36.39 -8.23 -0.71
CA GLU B 530 -37.83 -8.19 -0.84
C GLU B 530 -38.35 -6.97 -1.62
N LEU B 531 -37.51 -5.95 -1.74
CA LEU B 531 -37.93 -4.64 -2.24
C LEU B 531 -38.59 -4.66 -3.63
N ARG B 532 -37.99 -5.41 -4.54
CA ARG B 532 -38.50 -5.47 -5.91
C ARG B 532 -39.94 -6.03 -5.93
N ASP B 533 -40.23 -6.98 -5.03
CA ASP B 533 -41.57 -7.57 -4.94
C ASP B 533 -42.55 -6.70 -4.18
N ARG B 534 -42.03 -5.72 -3.45
CA ARG B 534 -42.84 -4.90 -2.54
C ARG B 534 -42.90 -3.44 -2.99
N LEU B 535 -42.55 -3.20 -4.26
CA LEU B 535 -42.49 -1.87 -4.86
C LEU B 535 -43.72 -1.02 -4.65
N GLU B 536 -44.88 -1.67 -4.58
CA GLU B 536 -46.15 -0.99 -4.30
C GLU B 536 -46.14 -0.22 -2.99
N GLU B 537 -45.33 -0.68 -2.04
CA GLU B 537 -45.26 -0.05 -0.72
C GLU B 537 -44.47 1.27 -0.72
N VAL B 538 -43.71 1.48 -1.80
CA VAL B 538 -42.90 2.69 -1.92
C VAL B 538 -43.75 3.81 -2.54
N PRO B 539 -43.91 4.96 -1.83
CA PRO B 539 -44.68 6.11 -2.32
C PRO B 539 -44.01 6.76 -3.52
N VAL B 540 -44.76 6.96 -4.60
CA VAL B 540 -44.16 7.42 -5.85
C VAL B 540 -44.08 8.95 -5.93
N ASP B 541 -44.86 9.62 -5.09
CA ASP B 541 -44.90 11.09 -5.08
C ASP B 541 -43.99 11.72 -4.01
N LYS B 542 -43.23 10.90 -3.29
CA LYS B 542 -42.27 11.39 -2.27
C LYS B 542 -40.80 11.21 -2.68
N ASP B 543 -39.92 12.02 -2.10
CA ASP B 543 -38.50 11.80 -2.22
C ASP B 543 -38.17 10.62 -1.31
N ILE B 544 -37.49 9.62 -1.86
CA ILE B 544 -37.17 8.39 -1.15
C ILE B 544 -35.72 8.48 -0.69
N TYR B 545 -35.49 8.10 0.57
CA TYR B 545 -34.14 7.96 1.08
C TYR B 545 -33.91 6.52 1.53
N ILE B 546 -32.72 6.01 1.24
CA ILE B 546 -32.41 4.60 1.50
C ILE B 546 -31.21 4.52 2.43
N THR B 547 -31.33 3.64 3.42
CA THR B 547 -30.18 3.32 4.21
C THR B 547 -30.02 1.81 4.32
N CYS B 548 -28.77 1.36 4.34
CA CYS B 548 -28.40 0.00 4.70
CA CYS B 548 -28.53 -0.01 4.80
C CYS B 548 -27.55 0.03 5.98
N GLN B 549 -26.67 -0.98 6.08
CA GLN B 549 -25.73 -1.06 7.18
C GLN B 549 -24.46 -0.31 6.82
N LEU B 550 -23.82 -0.72 5.73
CA LEU B 550 -22.58 -0.10 5.30
C LEU B 550 -22.72 0.84 4.11
N GLY B 551 -23.86 0.78 3.43
CA GLY B 551 -24.12 1.68 2.31
C GLY B 551 -24.27 0.98 0.98
N ARG B 553 -25.74 -2.05 -0.07
CA ARG B 553 -27.08 -2.50 -0.42
C ARG B 553 -28.09 -1.36 -0.53
N GLY B 554 -27.80 -0.23 0.11
CA GLY B 554 -28.58 0.99 -0.05
C GLY B 554 -28.39 1.57 -1.44
N TYR B 555 -27.16 1.52 -1.95
CA TYR B 555 -26.87 1.93 -3.32
C TYR B 555 -27.58 1.04 -4.35
N VAL B 556 -27.55 -0.28 -4.12
CA VAL B 556 -28.23 -1.23 -5.00
C VAL B 556 -29.73 -0.92 -5.04
N ALA B 557 -30.32 -0.66 -3.88
CA ALA B 557 -31.73 -0.31 -3.79
C ALA B 557 -32.02 1.00 -4.52
N ALA B 558 -31.14 1.99 -4.36
CA ALA B 558 -31.28 3.28 -5.02
C ALA B 558 -31.25 3.12 -6.54
N ARG B 559 -30.33 2.28 -7.04
CA ARG B 559 -30.25 2.01 -8.50
C ARG B 559 -31.58 1.42 -9.01
N LEU B 561 -34.60 1.62 -7.65
CA LEU B 561 -35.70 2.58 -7.55
C LEU B 561 -35.59 3.69 -8.61
N GLU B 563 -34.24 3.35 -11.62
CA GLU B 563 -34.64 2.72 -12.87
C GLU B 563 -36.16 2.52 -12.96
N LYS B 564 -36.83 2.45 -11.80
CA LYS B 564 -38.29 2.36 -11.71
C LYS B 564 -38.95 3.74 -11.63
N GLY B 565 -38.15 4.79 -11.72
CA GLY B 565 -38.66 6.16 -11.86
C GLY B 565 -38.87 6.96 -10.58
N TYR B 566 -38.31 6.50 -9.46
CA TYR B 566 -38.42 7.21 -8.19
C TYR B 566 -37.29 8.21 -8.02
N LYS B 567 -37.55 9.28 -7.29
CA LYS B 567 -36.52 10.21 -6.82
C LYS B 567 -35.96 9.64 -5.52
N VAL B 568 -34.69 9.27 -5.54
CA VAL B 568 -34.12 8.52 -4.42
C VAL B 568 -32.67 8.94 -4.16
N LYS B 569 -32.27 8.97 -2.88
CA LYS B 569 -30.87 9.16 -2.51
C LYS B 569 -30.44 8.12 -1.48
N ASN B 570 -29.17 7.72 -1.55
CA ASN B 570 -28.61 6.76 -0.60
C ASN B 570 -27.99 7.52 0.56
N VAL B 571 -28.17 7.00 1.77
CA VAL B 571 -27.47 7.55 2.94
C VAL B 571 -26.04 7.01 3.00
N ASP B 572 -25.10 7.89 2.66
CA ASP B 572 -23.68 7.58 2.65
C ASP B 572 -23.22 6.97 3.98
N GLY B 573 -22.71 5.73 3.92
CA GLY B 573 -22.15 5.04 5.10
C GLY B 573 -23.14 4.21 5.89
N GLY B 574 -24.42 4.35 5.55
CA GLY B 574 -25.48 3.57 6.17
C GLY B 574 -25.62 3.77 7.67
N PHE B 575 -26.30 2.82 8.32
CA PHE B 575 -26.53 2.94 9.76
C PHE B 575 -25.24 2.87 10.60
N LYS B 576 -24.29 2.03 10.19
CA LYS B 576 -23.05 1.87 10.95
C LYS B 576 -22.32 3.19 11.17
N LEU B 577 -22.19 4.00 10.12
CA LEU B 577 -21.58 5.30 10.27
C LEU B 577 -22.48 6.22 11.10
N TYR B 578 -23.77 6.24 10.78
CA TYR B 578 -24.72 7.15 11.46
C TYR B 578 -24.69 6.93 12.97
N GLY B 579 -24.79 5.66 13.37
CA GLY B 579 -24.88 5.26 14.77
C GLY B 579 -23.59 5.47 15.53
N THR B 580 -22.46 5.44 14.81
CA THR B 580 -21.16 5.69 15.41
C THR B 580 -21.02 7.18 15.79
N VAL B 581 -21.42 8.06 14.87
CA VAL B 581 -21.27 9.51 15.08
C VAL B 581 -22.43 10.16 15.87
N LEU B 582 -23.63 9.62 15.74
CA LEU B 582 -24.79 10.13 16.47
C LEU B 582 -25.44 9.05 17.35
N PRO B 583 -24.67 8.48 18.29
CA PRO B 583 -25.16 7.32 19.04
C PRO B 583 -26.40 7.64 19.87
N GLU B 584 -26.52 8.89 20.35
CA GLU B 584 -27.69 9.30 21.13
C GLU B 584 -28.98 9.41 20.31
N ARG B 585 -28.87 9.49 19.00
CA ARG B 585 -30.05 9.64 18.14
C ARG B 585 -30.59 8.31 17.65
N ILE B 586 -29.82 7.25 17.88
CA ILE B 586 -30.26 5.91 17.50
C ILE B 586 -31.61 5.59 18.14
N VAL B 587 -32.49 4.98 17.35
CA VAL B 587 -33.82 4.57 17.78
C VAL B 587 -33.86 3.03 17.78
N TYR B 588 -34.55 2.46 18.76
CA TYR B 588 -34.69 1.01 18.82
C TYR B 588 -36.07 0.56 18.40
#